data_3TCS
#
_entry.id   3TCS
#
_cell.length_a   182.492
_cell.length_b   64.745
_cell.length_c   76.449
_cell.angle_alpha   90.00
_cell.angle_beta   90.00
_cell.angle_gamma   90.00
#
_symmetry.space_group_name_H-M   'P 21 21 2'
#
loop_
_entity.id
_entity.type
_entity.pdbx_description
1 polymer 'Racemase, putative'
2 non-polymer 'CHLORIDE ION'
3 non-polymer 'MAGNESIUM ION'
4 non-polymer D-ALANINE
5 non-polymer GLYCEROL
6 non-polymer 'TETRAETHYLENE GLYCOL'
7 water water
#
_entity_poly.entity_id   1
_entity_poly.type   'polypeptide(L)'
_entity_poly.pdbx_seq_one_letter_code
;MHHHHHHSSGVDLGTENLYFQSMKLKAIETFTNDAVGFVRVTTQDGAQGWGQVSTYHADITCTVLHRQVAPWMLGQDITD
LDDLLDIVTEREHKFPGSYLRRAMAGVDTAIWDLRGKQQGKPVAEVLGGTPGLIRAYASSMKRDITPRDEAERLKRLRDT
QGFTAFKVRAGAEVGRNRDEWPGRTEEIIPTMRRELGDDVDLLIDANSCYTPDRAIEVGHMLQDHGFCHFEEPCPYWELA
QTKQVTDALDIDVTGGEQDCDLPTWQRMIDMRAVDIVQPDILYLGGICRTLRVVEMARAAGLPVTPHCANWSLVTLFTMH
LLRAIPNAGKYLEFSIEGPDYYPWQEGLFVKTPYEIEDGHARVTDAPGWGVEISPEWLARSQYQSSEI
;
_entity_poly.pdbx_strand_id   A,B
#
# COMPACT_ATOMS: atom_id res chain seq x y z
N MET A 23 21.35 -18.76 -7.18
CA MET A 23 22.71 -18.42 -6.70
C MET A 23 22.68 -17.06 -6.00
N LYS A 24 23.58 -16.14 -6.37
CA LYS A 24 23.62 -14.81 -5.74
C LYS A 24 23.60 -13.66 -6.74
N LEU A 25 22.75 -12.68 -6.48
CA LEU A 25 22.62 -11.53 -7.36
C LEU A 25 23.79 -10.56 -7.25
N LYS A 26 24.29 -10.11 -8.38
CA LYS A 26 25.40 -9.17 -8.43
C LYS A 26 24.91 -7.81 -8.90
N ALA A 27 23.84 -7.80 -9.70
CA ALA A 27 23.32 -6.54 -10.21
C ALA A 27 21.86 -6.64 -10.63
N ILE A 28 21.16 -5.51 -10.51
CA ILE A 28 19.77 -5.39 -10.90
C ILE A 28 19.66 -4.09 -11.71
N GLU A 29 19.19 -4.21 -12.95
CA GLU A 29 19.06 -3.03 -13.81
C GLU A 29 17.62 -2.88 -14.26
N THR A 30 17.19 -1.63 -14.44
CA THR A 30 15.85 -1.36 -14.93
C THR A 30 15.92 -0.48 -16.18
N PHE A 31 15.02 -0.73 -17.11
CA PHE A 31 14.92 0.01 -18.37
C PHE A 31 13.44 0.36 -18.41
N THR A 32 13.11 1.63 -18.28
CA THR A 32 11.71 2.02 -18.18
C THR A 32 11.31 3.34 -18.81
N ASN A 33 10.00 3.52 -18.93
CA ASN A 33 9.40 4.77 -19.36
C ASN A 33 8.25 4.88 -18.35
N ASP A 34 7.36 5.86 -18.50
CA ASP A 34 6.29 5.99 -17.51
C ASP A 34 5.26 4.87 -17.48
N ALA A 35 5.09 4.17 -18.60
CA ALA A 35 4.10 3.10 -18.68
C ALA A 35 4.57 1.71 -18.29
N VAL A 36 5.78 1.35 -18.68
CA VAL A 36 6.28 0.01 -18.38
C VAL A 36 7.80 -0.01 -18.20
N GLY A 37 8.27 -0.88 -17.32
CA GLY A 37 9.69 -0.98 -17.08
C GLY A 37 10.12 -2.43 -16.98
N PHE A 38 11.25 -2.76 -17.60
CA PHE A 38 11.78 -4.11 -17.59
C PHE A 38 12.96 -4.21 -16.64
N VAL A 39 13.17 -5.41 -16.11
CA VAL A 39 14.24 -5.65 -15.15
C VAL A 39 15.19 -6.74 -15.63
N ARG A 40 16.49 -6.50 -15.48
CA ARG A 40 17.48 -7.48 -15.86
C ARG A 40 18.33 -7.75 -14.63
N VAL A 41 18.39 -9.03 -14.23
CA VAL A 41 19.19 -9.40 -13.08
C VAL A 41 20.40 -10.18 -13.56
N THR A 42 21.52 -10.02 -12.85
CA THR A 42 22.76 -10.72 -13.20
C THR A 42 23.29 -11.39 -11.94
N THR A 43 23.59 -12.68 -12.03
CA THR A 43 24.14 -13.39 -10.88
C THR A 43 25.65 -13.29 -10.92
N GLN A 44 26.31 -13.66 -9.83
CA GLN A 44 27.77 -13.58 -9.75
C GLN A 44 28.50 -14.30 -10.88
N ASP A 45 27.92 -15.40 -11.38
CA ASP A 45 28.55 -16.15 -12.45
C ASP A 45 28.30 -15.53 -13.83
N GLY A 46 27.55 -14.43 -13.86
CA GLY A 46 27.29 -13.76 -15.13
C GLY A 46 25.95 -14.03 -15.80
N ALA A 47 25.27 -15.09 -15.38
CA ALA A 47 23.97 -15.42 -15.97
C ALA A 47 22.97 -14.28 -15.76
N GLN A 48 22.12 -14.04 -16.75
CA GLN A 48 21.15 -12.95 -16.65
C GLN A 48 19.72 -13.38 -16.95
N GLY A 49 18.77 -12.62 -16.42
CA GLY A 49 17.36 -12.90 -16.63
C GLY A 49 16.58 -11.61 -16.78
N TRP A 50 15.46 -11.69 -17.50
CA TRP A 50 14.61 -10.53 -17.74
C TRP A 50 13.20 -10.69 -17.19
N GLY A 51 12.72 -9.64 -16.53
CA GLY A 51 11.39 -9.64 -15.96
C GLY A 51 10.77 -8.28 -16.18
N GLN A 52 9.65 -8.01 -15.50
CA GLN A 52 8.98 -6.74 -15.67
C GLN A 52 8.25 -6.33 -14.40
N VAL A 53 8.28 -5.04 -14.10
CA VAL A 53 7.58 -4.52 -12.94
C VAL A 53 6.16 -4.29 -13.44
N SER A 54 5.22 -4.07 -12.54
CA SER A 54 3.86 -3.81 -12.97
C SER A 54 3.78 -2.57 -13.85
N THR A 55 2.86 -2.56 -14.82
CA THR A 55 2.68 -1.42 -15.70
C THR A 55 2.01 -0.28 -14.92
N TYR A 56 2.12 0.93 -15.46
CA TYR A 56 1.53 2.16 -14.90
C TYR A 56 2.40 2.84 -13.85
N HIS A 57 2.89 4.02 -14.21
CA HIS A 57 3.79 4.79 -13.35
C HIS A 57 4.98 3.90 -13.04
N ALA A 58 5.39 3.15 -14.06
CA ALA A 58 6.51 2.24 -13.96
C ALA A 58 7.81 2.94 -13.59
N ASP A 59 7.93 4.21 -13.95
CA ASP A 59 9.13 4.96 -13.62
C ASP A 59 9.22 5.14 -12.11
N ILE A 60 8.09 5.38 -11.46
CA ILE A 60 8.09 5.53 -10.01
C ILE A 60 8.41 4.18 -9.39
N THR A 61 7.82 3.12 -9.94
CA THR A 61 8.05 1.78 -9.44
C THR A 61 9.53 1.38 -9.53
N CYS A 62 10.20 1.78 -10.61
CA CYS A 62 11.62 1.44 -10.74
C CYS A 62 12.46 2.22 -9.74
N THR A 63 12.05 3.45 -9.43
CA THR A 63 12.78 4.26 -8.45
C THR A 63 12.67 3.53 -7.10
N VAL A 64 11.47 3.04 -6.81
CA VAL A 64 11.23 2.31 -5.57
C VAL A 64 12.04 1.03 -5.57
N LEU A 65 12.10 0.35 -6.71
CA LEU A 65 12.86 -0.89 -6.80
C LEU A 65 14.32 -0.70 -6.36
N HIS A 66 15.00 0.31 -6.90
CA HIS A 66 16.39 0.55 -6.53
C HIS A 66 16.56 1.09 -5.12
N ARG A 67 15.56 1.82 -4.66
CA ARG A 67 15.62 2.42 -3.33
C ARG A 67 15.29 1.46 -2.20
N GLN A 68 14.30 0.59 -2.41
CA GLN A 68 13.85 -0.29 -1.34
C GLN A 68 13.82 -1.80 -1.57
N VAL A 69 14.17 -2.25 -2.78
CA VAL A 69 14.19 -3.69 -3.05
C VAL A 69 15.61 -4.19 -3.28
N ALA A 70 16.31 -3.59 -4.25
CA ALA A 70 17.67 -3.99 -4.56
C ALA A 70 18.62 -4.06 -3.37
N PRO A 71 18.57 -3.06 -2.47
CA PRO A 71 19.45 -3.06 -1.30
C PRO A 71 19.39 -4.32 -0.45
N TRP A 72 18.22 -4.95 -0.42
CA TRP A 72 18.03 -6.16 0.38
C TRP A 72 18.25 -7.46 -0.38
N MET A 73 18.22 -7.38 -1.70
CA MET A 73 18.39 -8.58 -2.51
C MET A 73 19.78 -8.78 -3.09
N LEU A 74 20.49 -7.69 -3.38
CA LEU A 74 21.83 -7.79 -3.93
C LEU A 74 22.80 -8.52 -3.00
N GLY A 75 23.58 -9.43 -3.57
CA GLY A 75 24.54 -10.18 -2.79
C GLY A 75 23.92 -11.25 -1.90
N GLN A 76 22.64 -11.54 -2.10
CA GLN A 76 21.96 -12.55 -1.31
C GLN A 76 21.68 -13.79 -2.14
N ASP A 77 21.58 -14.94 -1.47
CA ASP A 77 21.30 -16.19 -2.15
C ASP A 77 19.82 -16.21 -2.52
N ILE A 78 19.53 -16.44 -3.80
CA ILE A 78 18.15 -16.44 -4.27
C ILE A 78 17.53 -17.83 -4.38
N THR A 79 18.16 -18.82 -3.76
CA THR A 79 17.63 -20.18 -3.80
C THR A 79 16.25 -20.19 -3.13
N ASP A 80 16.16 -19.63 -1.93
CA ASP A 80 14.89 -19.54 -1.22
C ASP A 80 14.36 -18.14 -1.46
N LEU A 81 13.85 -17.92 -2.68
CA LEU A 81 13.33 -16.62 -3.07
C LEU A 81 12.17 -16.16 -2.21
N ASP A 82 11.33 -17.10 -1.81
CA ASP A 82 10.19 -16.76 -0.96
C ASP A 82 10.64 -16.07 0.33
N ASP A 83 11.66 -16.63 0.98
CA ASP A 83 12.16 -16.05 2.22
C ASP A 83 12.81 -14.70 1.97
N LEU A 84 13.53 -14.58 0.86
CA LEU A 84 14.19 -13.33 0.54
C LEU A 84 13.18 -12.22 0.30
N LEU A 85 12.09 -12.55 -0.40
CA LEU A 85 11.06 -11.56 -0.66
C LEU A 85 10.39 -11.17 0.65
N ASP A 86 10.30 -12.11 1.58
CA ASP A 86 9.69 -11.79 2.88
C ASP A 86 10.60 -10.81 3.63
N ILE A 87 11.91 -11.01 3.51
CA ILE A 87 12.86 -10.13 4.18
C ILE A 87 12.69 -8.72 3.63
N VAL A 88 12.53 -8.60 2.31
CA VAL A 88 12.33 -7.29 1.69
C VAL A 88 11.13 -6.57 2.32
N THR A 89 9.99 -7.25 2.41
CA THR A 89 8.80 -6.63 2.97
C THR A 89 8.95 -6.34 4.47
N GLU A 90 9.74 -7.15 5.17
CA GLU A 90 9.95 -6.93 6.60
C GLU A 90 10.89 -5.76 6.81
N ARG A 91 11.94 -5.68 5.99
CA ARG A 91 12.90 -4.58 6.09
C ARG A 91 12.21 -3.27 5.75
N GLU A 92 11.23 -3.34 4.86
CA GLU A 92 10.47 -2.17 4.42
C GLU A 92 9.05 -2.24 4.97
N HIS A 93 8.90 -2.71 6.21
CA HIS A 93 7.58 -2.85 6.80
C HIS A 93 6.81 -1.54 7.00
N LYS A 94 7.48 -0.41 6.87
CA LYS A 94 6.84 0.89 7.01
C LYS A 94 6.19 1.30 5.69
N PHE A 95 6.35 0.46 4.68
CA PHE A 95 5.79 0.76 3.36
C PHE A 95 4.86 -0.35 2.85
N PRO A 96 3.80 -0.65 3.60
CA PRO A 96 2.90 -1.71 3.12
C PRO A 96 2.16 -1.14 1.90
N GLY A 97 1.85 -1.99 0.94
CA GLY A 97 1.14 -1.47 -0.22
C GLY A 97 1.66 -1.85 -1.58
N SER A 98 1.02 -1.25 -2.59
CA SER A 98 1.29 -1.51 -4.00
C SER A 98 2.69 -1.30 -4.57
N TYR A 99 3.25 -0.10 -4.43
CA TYR A 99 4.55 0.17 -5.03
C TYR A 99 5.69 -0.78 -4.69
N LEU A 100 5.86 -1.12 -3.42
CA LEU A 100 6.94 -2.04 -3.06
C LEU A 100 6.74 -3.38 -3.76
N ARG A 101 5.50 -3.85 -3.79
CA ARG A 101 5.19 -5.11 -4.42
C ARG A 101 5.30 -5.07 -5.95
N ARG A 102 4.93 -3.95 -6.55
CA ARG A 102 5.05 -3.81 -8.00
C ARG A 102 6.53 -3.90 -8.37
N ALA A 103 7.37 -3.35 -7.50
CA ALA A 103 8.82 -3.35 -7.69
C ALA A 103 9.38 -4.76 -7.51
N MET A 104 8.99 -5.40 -6.41
CA MET A 104 9.45 -6.75 -6.12
C MET A 104 9.15 -7.70 -7.27
N ALA A 105 7.97 -7.54 -7.86
CA ALA A 105 7.54 -8.38 -8.98
C ALA A 105 8.54 -8.39 -10.13
N GLY A 106 9.21 -7.26 -10.34
CA GLY A 106 10.17 -7.16 -11.41
C GLY A 106 11.41 -8.01 -11.18
N VAL A 107 11.91 -8.03 -9.95
CA VAL A 107 13.09 -8.83 -9.63
C VAL A 107 12.71 -10.30 -9.64
N ASP A 108 11.55 -10.61 -9.06
CA ASP A 108 11.06 -11.97 -9.00
C ASP A 108 10.93 -12.57 -10.41
N THR A 109 10.22 -11.87 -11.30
CA THR A 109 10.02 -12.40 -12.64
C THR A 109 11.31 -12.51 -13.44
N ALA A 110 12.28 -11.63 -13.17
CA ALA A 110 13.56 -11.68 -13.87
C ALA A 110 14.32 -12.92 -13.39
N ILE A 111 14.21 -13.21 -12.10
CA ILE A 111 14.88 -14.37 -11.54
C ILE A 111 14.30 -15.67 -12.12
N TRP A 112 13.00 -15.72 -12.34
CA TRP A 112 12.41 -16.93 -12.91
C TRP A 112 12.88 -17.12 -14.36
N ASP A 113 13.03 -16.02 -15.09
CA ASP A 113 13.50 -16.08 -16.47
C ASP A 113 14.94 -16.61 -16.42
N LEU A 114 15.69 -16.15 -15.43
CA LEU A 114 17.07 -16.57 -15.24
C LEU A 114 17.13 -18.09 -15.01
N ARG A 115 16.28 -18.57 -14.12
CA ARG A 115 16.24 -20.00 -13.81
C ARG A 115 15.90 -20.83 -15.04
N GLY A 116 14.90 -20.40 -15.80
CA GLY A 116 14.52 -21.11 -17.00
C GLY A 116 15.66 -21.18 -17.98
N LYS A 117 16.34 -20.05 -18.19
CA LYS A 117 17.46 -20.04 -19.12
C LYS A 117 18.62 -20.89 -18.62
N GLN A 118 18.83 -20.91 -17.30
CA GLN A 118 19.90 -21.72 -16.72
C GLN A 118 19.61 -23.21 -16.91
N GLN A 119 18.33 -23.56 -16.83
CA GLN A 119 17.91 -24.95 -16.97
C GLN A 119 17.52 -25.33 -18.40
N GLY A 120 17.48 -24.35 -19.29
CA GLY A 120 17.11 -24.61 -20.68
C GLY A 120 15.64 -25.00 -20.81
N LYS A 121 14.81 -24.41 -19.95
CA LYS A 121 13.38 -24.71 -19.93
C LYS A 121 12.52 -23.47 -19.80
N PRO A 122 11.29 -23.51 -20.32
CA PRO A 122 10.40 -22.36 -20.21
C PRO A 122 10.00 -22.32 -18.73
N VAL A 123 9.62 -21.15 -18.24
CA VAL A 123 9.23 -21.03 -16.85
C VAL A 123 8.15 -22.01 -16.43
N ALA A 124 7.18 -22.25 -17.31
CA ALA A 124 6.08 -23.18 -17.02
C ALA A 124 6.61 -24.53 -16.56
N GLU A 125 7.71 -24.98 -17.17
CA GLU A 125 8.31 -26.25 -16.80
C GLU A 125 9.06 -26.16 -15.48
N VAL A 126 9.76 -25.04 -15.26
CA VAL A 126 10.48 -24.87 -14.01
C VAL A 126 9.45 -24.92 -12.87
N LEU A 127 8.26 -24.38 -13.13
CA LEU A 127 7.18 -24.37 -12.14
C LEU A 127 6.49 -25.72 -11.98
N GLY A 128 6.94 -26.71 -12.74
CA GLY A 128 6.35 -28.04 -12.66
C GLY A 128 5.26 -28.31 -13.67
N GLY A 129 5.12 -27.41 -14.64
CA GLY A 129 4.11 -27.57 -15.68
C GLY A 129 4.73 -27.96 -17.00
N THR A 130 4.01 -27.72 -18.09
CA THR A 130 4.51 -28.07 -19.43
C THR A 130 4.13 -27.00 -20.44
N PRO A 131 4.91 -26.86 -21.52
CA PRO A 131 4.57 -25.85 -22.53
C PRO A 131 3.31 -26.30 -23.27
N GLY A 132 2.64 -25.35 -23.92
CA GLY A 132 1.43 -25.71 -24.63
C GLY A 132 0.44 -24.58 -24.77
N LEU A 133 -0.77 -24.92 -25.21
CA LEU A 133 -1.83 -23.93 -25.42
C LEU A 133 -2.65 -23.60 -24.18
N ILE A 134 -3.21 -22.39 -24.16
CA ILE A 134 -4.05 -21.95 -23.05
C ILE A 134 -5.24 -21.20 -23.64
N ARG A 135 -6.45 -21.68 -23.33
CA ARG A 135 -7.66 -21.03 -23.83
C ARG A 135 -7.72 -19.61 -23.27
N ALA A 136 -8.08 -18.66 -24.12
CA ALA A 136 -8.15 -17.27 -23.68
C ALA A 136 -9.53 -16.67 -23.90
N TYR A 137 -9.84 -15.66 -23.10
CA TYR A 137 -11.11 -15.00 -23.27
C TYR A 137 -10.81 -13.56 -23.67
N ALA A 138 -11.49 -13.09 -24.70
CA ALA A 138 -11.30 -11.73 -25.20
C ALA A 138 -11.81 -10.78 -24.12
N SER A 139 -10.92 -9.93 -23.61
CA SER A 139 -11.31 -9.00 -22.57
C SER A 139 -11.36 -7.55 -23.02
N SER A 140 -12.55 -6.97 -22.96
CA SER A 140 -12.73 -5.57 -23.34
C SER A 140 -12.43 -4.72 -22.11
N MET A 141 -11.74 -3.61 -22.31
CA MET A 141 -11.39 -2.72 -21.21
C MET A 141 -12.25 -1.47 -21.20
N LYS A 142 -12.88 -1.19 -22.34
CA LYS A 142 -13.70 0.01 -22.52
C LYS A 142 -15.08 0.05 -21.91
N ARG A 143 -15.49 1.25 -21.50
CA ARG A 143 -16.79 1.48 -20.91
C ARG A 143 -17.47 2.61 -21.67
N ASP A 144 -16.66 3.36 -22.43
CA ASP A 144 -17.18 4.46 -23.22
C ASP A 144 -17.81 3.94 -24.51
N ILE A 145 -17.29 2.80 -24.98
CA ILE A 145 -17.79 2.17 -26.20
C ILE A 145 -19.25 1.76 -26.01
N THR A 146 -20.05 1.92 -27.06
CA THR A 146 -21.47 1.56 -26.99
C THR A 146 -21.63 0.04 -27.08
N PRO A 147 -22.70 -0.49 -26.45
CA PRO A 147 -22.97 -1.93 -26.47
C PRO A 147 -22.99 -2.51 -27.87
N ARG A 148 -23.58 -1.76 -28.82
CA ARG A 148 -23.65 -2.23 -30.20
C ARG A 148 -22.26 -2.40 -30.79
N ASP A 149 -21.41 -1.38 -30.61
CA ASP A 149 -20.06 -1.43 -31.16
C ASP A 149 -19.20 -2.47 -30.46
N GLU A 150 -19.50 -2.73 -29.19
CA GLU A 150 -18.74 -3.72 -28.42
C GLU A 150 -19.03 -5.10 -28.98
N ALA A 151 -20.32 -5.44 -29.05
CA ALA A 151 -20.74 -6.73 -29.56
C ALA A 151 -20.23 -6.93 -30.99
N GLU A 152 -20.21 -5.85 -31.75
CA GLU A 152 -19.76 -5.90 -33.13
C GLU A 152 -18.29 -6.29 -33.29
N ARG A 153 -17.41 -5.62 -32.54
CA ARG A 153 -15.98 -5.91 -32.63
C ARG A 153 -15.62 -7.24 -31.99
N LEU A 154 -16.38 -7.65 -30.98
CA LEU A 154 -16.10 -8.92 -30.31
C LEU A 154 -16.61 -10.09 -31.15
N LYS A 155 -17.61 -9.82 -31.98
CA LYS A 155 -18.17 -10.84 -32.85
C LYS A 155 -17.18 -11.11 -33.98
N ARG A 156 -16.51 -10.06 -34.43
CA ARG A 156 -15.52 -10.18 -35.50
C ARG A 156 -14.33 -11.00 -35.00
N LEU A 157 -13.97 -10.79 -33.73
CA LEU A 157 -12.86 -11.51 -33.13
C LEU A 157 -13.23 -12.97 -32.89
N ARG A 158 -14.50 -13.21 -32.60
CA ARG A 158 -14.97 -14.58 -32.39
C ARG A 158 -14.76 -15.35 -33.68
N ASP A 159 -15.12 -14.74 -34.80
CA ASP A 159 -15.02 -15.37 -36.11
C ASP A 159 -13.64 -15.36 -36.75
N THR A 160 -12.81 -14.36 -36.42
CA THR A 160 -11.48 -14.28 -37.03
C THR A 160 -10.37 -14.84 -36.16
N GLN A 161 -10.52 -14.77 -34.84
CA GLN A 161 -9.48 -15.27 -33.93
C GLN A 161 -9.85 -16.57 -33.25
N GLY A 162 -11.13 -16.92 -33.22
CA GLY A 162 -11.53 -18.16 -32.59
C GLY A 162 -11.87 -18.10 -31.12
N PHE A 163 -11.98 -16.88 -30.58
CA PHE A 163 -12.31 -16.71 -29.17
C PHE A 163 -13.70 -17.29 -28.90
N THR A 164 -13.85 -17.95 -27.75
CA THR A 164 -15.12 -18.55 -27.37
C THR A 164 -15.56 -18.08 -25.98
N ALA A 165 -14.93 -17.01 -25.51
CA ALA A 165 -15.25 -16.43 -24.20
C ALA A 165 -15.00 -14.92 -24.32
N PHE A 166 -15.87 -14.11 -23.73
CA PHE A 166 -15.73 -12.66 -23.85
C PHE A 166 -16.13 -11.90 -22.59
N LYS A 167 -15.35 -10.88 -22.23
CA LYS A 167 -15.68 -10.08 -21.05
C LYS A 167 -15.92 -8.62 -21.43
N VAL A 168 -16.98 -8.04 -20.87
CA VAL A 168 -17.33 -6.65 -21.12
C VAL A 168 -17.43 -5.91 -19.79
N ARG A 169 -17.69 -4.60 -19.85
CA ARG A 169 -17.78 -3.76 -18.65
C ARG A 169 -19.19 -3.38 -18.22
N ALA A 170 -19.38 -3.24 -16.91
CA ALA A 170 -20.67 -2.86 -16.32
C ALA A 170 -20.47 -1.62 -15.44
N GLY A 171 -21.54 -0.88 -15.22
CA GLY A 171 -21.47 0.32 -14.39
C GLY A 171 -20.34 1.25 -14.80
N ALA A 172 -19.90 2.08 -13.86
CA ALA A 172 -18.80 3.01 -14.12
C ALA A 172 -17.66 2.65 -13.16
N GLU A 173 -16.42 2.79 -13.62
CA GLU A 173 -15.25 2.46 -12.79
C GLU A 173 -15.36 3.17 -11.43
N VAL A 174 -15.48 2.37 -10.36
CA VAL A 174 -15.62 2.90 -9.00
C VAL A 174 -16.56 4.10 -9.07
N GLY A 175 -17.66 3.92 -9.79
CA GLY A 175 -18.63 4.99 -9.98
C GLY A 175 -19.65 5.27 -8.89
N ARG A 176 -19.45 4.71 -7.69
CA ARG A 176 -20.38 4.94 -6.59
C ARG A 176 -21.82 4.64 -7.00
N ASN A 177 -22.03 3.45 -7.54
CA ASN A 177 -23.34 2.97 -7.98
C ASN A 177 -23.87 3.58 -9.28
N ARG A 178 -23.19 4.61 -9.78
CA ARG A 178 -23.62 5.26 -11.02
C ARG A 178 -23.05 4.54 -12.24
N ASP A 179 -23.86 4.46 -13.30
CA ASP A 179 -23.44 3.79 -14.53
C ASP A 179 -22.67 4.72 -15.45
N GLU A 180 -22.04 4.16 -16.48
CA GLU A 180 -21.28 4.95 -17.45
C GLU A 180 -22.24 5.97 -18.04
N TRP A 181 -23.50 5.56 -18.12
CA TRP A 181 -24.59 6.39 -18.61
C TRP A 181 -25.88 5.61 -18.38
N PRO A 182 -26.98 6.33 -18.14
CA PRO A 182 -28.28 5.69 -17.91
C PRO A 182 -28.61 4.54 -18.86
N GLY A 183 -28.78 3.35 -18.30
CA GLY A 183 -29.14 2.19 -19.09
C GLY A 183 -28.09 1.42 -19.88
N ARG A 184 -26.82 1.81 -19.81
CA ARG A 184 -25.80 1.09 -20.57
C ARG A 184 -25.71 -0.38 -20.15
N THR A 185 -25.61 -0.62 -18.84
CA THR A 185 -25.52 -1.98 -18.32
C THR A 185 -26.75 -2.81 -18.69
N GLU A 186 -27.93 -2.20 -18.58
CA GLU A 186 -29.17 -2.90 -18.93
C GLU A 186 -29.12 -3.35 -20.37
N GLU A 187 -28.65 -2.46 -21.24
CA GLU A 187 -28.54 -2.74 -22.67
C GLU A 187 -27.45 -3.75 -23.03
N ILE A 188 -26.23 -3.52 -22.55
CA ILE A 188 -25.10 -4.38 -22.86
C ILE A 188 -25.24 -5.86 -22.49
N ILE A 189 -25.93 -6.14 -21.38
CA ILE A 189 -26.10 -7.53 -20.96
C ILE A 189 -26.77 -8.42 -22.01
N PRO A 190 -28.03 -8.12 -22.36
CA PRO A 190 -28.73 -8.94 -23.36
C PRO A 190 -28.12 -8.80 -24.75
N THR A 191 -27.67 -7.60 -25.09
CA THR A 191 -27.07 -7.34 -26.39
C THR A 191 -25.92 -8.29 -26.70
N MET A 192 -25.06 -8.53 -25.71
CA MET A 192 -23.91 -9.42 -25.89
C MET A 192 -24.32 -10.86 -26.17
N ARG A 193 -25.33 -11.35 -25.47
CA ARG A 193 -25.79 -12.71 -25.67
C ARG A 193 -26.52 -12.85 -27.00
N ARG A 194 -27.18 -11.79 -27.41
CA ARG A 194 -27.93 -11.79 -28.66
C ARG A 194 -27.01 -11.81 -29.88
N GLU A 195 -26.00 -10.94 -29.86
CA GLU A 195 -25.05 -10.83 -30.97
C GLU A 195 -23.98 -11.92 -31.06
N LEU A 196 -23.49 -12.39 -29.91
CA LEU A 196 -22.46 -13.42 -29.90
C LEU A 196 -22.99 -14.85 -29.92
N GLY A 197 -24.29 -15.00 -29.67
CA GLY A 197 -24.87 -16.33 -29.68
C GLY A 197 -24.85 -17.06 -28.36
N ASP A 198 -25.42 -18.25 -28.34
CA ASP A 198 -25.48 -19.07 -27.15
C ASP A 198 -24.34 -20.06 -27.00
N ASP A 199 -23.41 -20.06 -27.95
CA ASP A 199 -22.29 -21.00 -27.90
C ASP A 199 -20.97 -20.42 -27.39
N VAL A 200 -21.04 -19.29 -26.70
CA VAL A 200 -19.84 -18.66 -26.17
C VAL A 200 -20.03 -18.26 -24.71
N ASP A 201 -18.93 -18.23 -23.95
CA ASP A 201 -19.01 -17.85 -22.54
C ASP A 201 -18.94 -16.32 -22.41
N LEU A 202 -19.81 -15.77 -21.58
CA LEU A 202 -19.84 -14.33 -21.39
C LEU A 202 -19.48 -13.94 -19.97
N LEU A 203 -18.59 -12.96 -19.85
CA LEU A 203 -18.13 -12.48 -18.55
C LEU A 203 -18.34 -10.98 -18.44
N ILE A 204 -18.48 -10.48 -17.23
CA ILE A 204 -18.64 -9.05 -17.05
C ILE A 204 -17.87 -8.58 -15.82
N ASP A 205 -17.45 -7.32 -15.84
CA ASP A 205 -16.67 -6.73 -14.77
C ASP A 205 -17.26 -5.37 -14.37
N ALA A 206 -17.62 -5.22 -13.10
CA ALA A 206 -18.22 -3.99 -12.60
C ALA A 206 -17.19 -3.02 -12.05
N ASN A 207 -15.96 -3.50 -11.86
CA ASN A 207 -14.88 -2.68 -11.34
C ASN A 207 -15.26 -1.83 -10.12
N SER A 208 -15.76 -2.48 -9.08
CA SER A 208 -16.13 -1.82 -7.82
C SER A 208 -17.16 -0.70 -7.93
N CYS A 209 -18.13 -0.83 -8.82
CA CYS A 209 -19.13 0.22 -9.00
C CYS A 209 -20.38 0.13 -8.13
N TYR A 210 -20.87 -1.08 -7.90
CA TYR A 210 -22.12 -1.25 -7.16
C TYR A 210 -22.09 -1.55 -5.66
N THR A 211 -23.26 -1.35 -5.06
CA THR A 211 -23.50 -1.64 -3.65
C THR A 211 -24.01 -3.08 -3.70
N PRO A 212 -24.00 -3.80 -2.57
CA PRO A 212 -24.48 -5.18 -2.59
C PRO A 212 -25.84 -5.36 -3.25
N ASP A 213 -26.78 -4.48 -2.96
CA ASP A 213 -28.13 -4.58 -3.53
C ASP A 213 -28.19 -4.26 -5.02
N ARG A 214 -27.60 -3.12 -5.42
CA ARG A 214 -27.60 -2.75 -6.82
C ARG A 214 -26.88 -3.84 -7.62
N ALA A 215 -25.87 -4.43 -6.99
CA ALA A 215 -25.10 -5.50 -7.63
C ALA A 215 -25.96 -6.76 -7.76
N ILE A 216 -26.84 -6.99 -6.77
CA ILE A 216 -27.71 -8.14 -6.82
C ILE A 216 -28.73 -7.97 -7.95
N GLU A 217 -29.19 -6.74 -8.13
CA GLU A 217 -30.14 -6.43 -9.20
C GLU A 217 -29.47 -6.83 -10.51
N VAL A 218 -28.33 -6.20 -10.79
CA VAL A 218 -27.57 -6.47 -11.99
C VAL A 218 -27.23 -7.96 -12.08
N GLY A 219 -26.99 -8.58 -10.93
CA GLY A 219 -26.66 -10.00 -10.90
C GLY A 219 -27.72 -10.88 -11.52
N HIS A 220 -28.98 -10.52 -11.32
CA HIS A 220 -30.09 -11.30 -11.86
C HIS A 220 -30.22 -11.12 -13.37
N MET A 221 -29.97 -9.90 -13.83
CA MET A 221 -30.03 -9.60 -15.26
C MET A 221 -28.99 -10.47 -15.96
N LEU A 222 -27.85 -10.65 -15.31
CA LEU A 222 -26.74 -11.45 -15.85
C LEU A 222 -27.12 -12.93 -15.92
N GLN A 223 -27.73 -13.44 -14.87
CA GLN A 223 -28.13 -14.83 -14.82
C GLN A 223 -29.18 -15.15 -15.87
N ASP A 224 -30.09 -14.20 -16.11
CA ASP A 224 -31.14 -14.40 -17.11
C ASP A 224 -30.59 -14.50 -18.53
N HIS A 225 -29.39 -13.97 -18.76
CA HIS A 225 -28.82 -14.01 -20.11
C HIS A 225 -27.62 -14.95 -20.28
N GLY A 226 -27.46 -15.88 -19.34
CA GLY A 226 -26.39 -16.84 -19.45
C GLY A 226 -24.96 -16.50 -19.06
N PHE A 227 -24.70 -15.29 -18.57
CA PHE A 227 -23.33 -14.94 -18.17
C PHE A 227 -22.88 -15.91 -17.09
N CYS A 228 -21.57 -16.14 -17.00
CA CYS A 228 -21.03 -17.09 -16.02
C CYS A 228 -19.93 -16.47 -15.17
N HIS A 229 -19.75 -15.16 -15.28
CA HIS A 229 -18.68 -14.49 -14.56
C HIS A 229 -19.05 -13.05 -14.18
N PHE A 230 -19.22 -12.80 -12.89
CA PHE A 230 -19.54 -11.45 -12.40
C PHE A 230 -18.32 -11.02 -11.58
N GLU A 231 -17.51 -10.13 -12.15
CA GLU A 231 -16.29 -9.67 -11.49
C GLU A 231 -16.32 -8.34 -10.76
N GLU A 232 -15.75 -8.34 -9.56
CA GLU A 232 -15.65 -7.16 -8.71
C GLU A 232 -16.93 -6.34 -8.69
N PRO A 233 -18.05 -6.95 -8.25
CA PRO A 233 -19.34 -6.27 -8.18
C PRO A 233 -19.37 -5.04 -7.25
N CYS A 234 -18.68 -5.12 -6.13
CA CYS A 234 -18.65 -4.02 -5.15
C CYS A 234 -17.23 -3.55 -4.88
N PRO A 235 -17.07 -2.44 -4.13
CA PRO A 235 -15.73 -1.94 -3.83
C PRO A 235 -14.89 -3.12 -3.33
N TYR A 236 -13.77 -3.36 -4.01
CA TYR A 236 -12.92 -4.50 -3.66
C TYR A 236 -12.42 -4.52 -2.22
N TRP A 237 -12.29 -3.34 -1.62
CA TRP A 237 -11.81 -3.24 -0.24
C TRP A 237 -12.91 -3.47 0.79
N GLU A 238 -14.11 -3.77 0.32
CA GLU A 238 -15.24 -4.01 1.21
C GLU A 238 -15.64 -5.48 1.06
N LEU A 239 -14.79 -6.36 1.57
CA LEU A 239 -15.00 -7.80 1.50
C LEU A 239 -16.41 -8.23 1.84
N ALA A 240 -16.95 -7.69 2.94
CA ALA A 240 -18.29 -8.04 3.38
C ALA A 240 -19.35 -7.83 2.31
N GLN A 241 -19.33 -6.65 1.68
CA GLN A 241 -20.28 -6.34 0.62
C GLN A 241 -20.20 -7.36 -0.50
N THR A 242 -18.98 -7.69 -0.90
CA THR A 242 -18.75 -8.64 -1.98
C THR A 242 -19.28 -10.02 -1.58
N LYS A 243 -19.03 -10.42 -0.35
CA LYS A 243 -19.49 -11.72 0.12
C LYS A 243 -21.01 -11.80 0.12
N GLN A 244 -21.66 -10.65 0.30
CA GLN A 244 -23.12 -10.60 0.31
C GLN A 244 -23.67 -10.90 -1.08
N VAL A 245 -22.97 -10.41 -2.10
CA VAL A 245 -23.38 -10.63 -3.48
C VAL A 245 -23.12 -12.09 -3.87
N THR A 246 -21.92 -12.58 -3.52
CA THR A 246 -21.51 -13.94 -3.83
C THR A 246 -22.47 -15.01 -3.30
N ASP A 247 -22.92 -14.83 -2.06
CA ASP A 247 -23.83 -15.79 -1.46
C ASP A 247 -25.29 -15.58 -1.85
N ALA A 248 -25.57 -14.44 -2.47
CA ALA A 248 -26.93 -14.13 -2.90
C ALA A 248 -27.19 -14.56 -4.34
N LEU A 249 -26.12 -14.68 -5.12
CA LEU A 249 -26.22 -15.08 -6.53
C LEU A 249 -25.71 -16.49 -6.79
N ASP A 250 -26.14 -17.08 -7.90
CA ASP A 250 -25.70 -18.41 -8.29
C ASP A 250 -24.52 -18.28 -9.25
N ILE A 251 -24.55 -17.25 -10.07
CA ILE A 251 -23.47 -16.99 -11.02
C ILE A 251 -22.19 -16.76 -10.23
N ASP A 252 -21.06 -17.15 -10.79
CA ASP A 252 -19.78 -16.96 -10.10
C ASP A 252 -19.40 -15.50 -9.93
N VAL A 253 -18.97 -15.15 -8.72
CA VAL A 253 -18.52 -13.80 -8.42
C VAL A 253 -17.01 -13.93 -8.24
N THR A 254 -16.26 -13.03 -8.87
CA THR A 254 -14.81 -13.10 -8.81
C THR A 254 -14.16 -11.79 -8.41
N GLY A 255 -12.90 -11.86 -7.98
CA GLY A 255 -12.19 -10.66 -7.60
C GLY A 255 -10.81 -10.94 -7.02
N GLY A 256 -10.09 -9.87 -6.69
CA GLY A 256 -8.77 -10.00 -6.12
C GLY A 256 -7.62 -9.32 -6.85
N GLU A 257 -7.87 -8.79 -8.05
CA GLU A 257 -6.81 -8.16 -8.83
C GLU A 257 -6.06 -7.02 -8.16
N GLN A 258 -6.71 -6.26 -7.29
CA GLN A 258 -6.06 -5.13 -6.60
C GLN A 258 -5.48 -5.53 -5.23
N ASP A 259 -5.68 -6.78 -4.83
CA ASP A 259 -5.17 -7.26 -3.55
C ASP A 259 -3.71 -7.69 -3.63
N CYS A 260 -2.85 -6.99 -2.91
CA CYS A 260 -1.42 -7.29 -2.92
C CYS A 260 -0.95 -7.73 -1.53
N ASP A 261 -1.90 -7.78 -0.60
CA ASP A 261 -1.64 -8.15 0.79
C ASP A 261 -2.02 -9.61 1.05
N LEU A 262 -1.02 -10.44 1.36
CA LEU A 262 -1.27 -11.86 1.63
C LEU A 262 -2.23 -12.09 2.80
N PRO A 263 -2.10 -11.32 3.89
CA PRO A 263 -3.01 -11.52 5.02
C PRO A 263 -4.46 -11.29 4.60
N THR A 264 -4.67 -10.29 3.75
CA THR A 264 -6.01 -9.98 3.27
C THR A 264 -6.49 -11.05 2.32
N TRP A 265 -5.54 -11.68 1.61
CA TRP A 265 -5.87 -12.76 0.68
C TRP A 265 -6.38 -13.96 1.47
N GLN A 266 -5.69 -14.30 2.55
CA GLN A 266 -6.09 -15.42 3.38
C GLN A 266 -7.47 -15.14 3.96
N ARG A 267 -7.70 -13.91 4.40
CA ARG A 267 -8.98 -13.51 4.97
C ARG A 267 -10.10 -13.67 3.94
N MET A 268 -9.83 -13.23 2.71
CA MET A 268 -10.80 -13.32 1.63
C MET A 268 -11.16 -14.77 1.32
N ILE A 269 -10.15 -15.63 1.29
CA ILE A 269 -10.34 -17.04 0.97
C ILE A 269 -10.97 -17.85 2.10
N ASP A 270 -10.69 -17.49 3.34
CA ASP A 270 -11.27 -18.19 4.48
C ASP A 270 -12.77 -17.93 4.57
N MET A 271 -13.17 -16.68 4.40
CA MET A 271 -14.58 -16.32 4.47
C MET A 271 -15.27 -16.53 3.12
N ARG A 272 -14.46 -16.80 2.10
CA ARG A 272 -14.95 -17.04 0.75
C ARG A 272 -15.86 -15.93 0.25
N ALA A 273 -15.28 -14.74 0.10
CA ALA A 273 -16.02 -13.58 -0.37
C ALA A 273 -16.27 -13.73 -1.87
N VAL A 274 -15.50 -14.61 -2.49
CA VAL A 274 -15.62 -14.86 -3.93
C VAL A 274 -15.60 -16.36 -4.23
N ASP A 275 -15.94 -16.70 -5.48
CA ASP A 275 -15.96 -18.08 -5.93
C ASP A 275 -14.69 -18.39 -6.71
N ILE A 276 -14.15 -17.36 -7.35
CA ILE A 276 -12.93 -17.48 -8.15
C ILE A 276 -11.96 -16.37 -7.75
N VAL A 277 -10.70 -16.73 -7.48
CA VAL A 277 -9.70 -15.73 -7.10
C VAL A 277 -8.95 -15.25 -8.35
N GLN A 278 -8.70 -13.94 -8.42
CA GLN A 278 -8.04 -13.36 -9.56
C GLN A 278 -6.83 -12.49 -9.23
N PRO A 279 -5.73 -13.10 -8.78
CA PRO A 279 -4.55 -12.30 -8.46
C PRO A 279 -3.88 -11.79 -9.73
N ASP A 280 -3.21 -10.65 -9.62
CA ASP A 280 -2.46 -10.12 -10.76
C ASP A 280 -1.03 -10.38 -10.33
N ILE A 281 -0.33 -11.20 -11.09
CA ILE A 281 1.05 -11.57 -10.77
C ILE A 281 1.96 -10.40 -10.40
N LEU A 282 1.88 -9.31 -11.15
CA LEU A 282 2.74 -8.17 -10.89
C LEU A 282 2.26 -7.26 -9.75
N TYR A 283 0.94 -7.08 -9.62
CA TYR A 283 0.43 -6.25 -8.53
C TYR A 283 0.69 -6.95 -7.20
N LEU A 284 0.63 -8.28 -7.21
CA LEU A 284 0.83 -9.07 -6.01
C LEU A 284 2.28 -9.21 -5.56
N GLY A 285 3.23 -8.97 -6.45
CA GLY A 285 4.62 -9.06 -6.05
C GLY A 285 5.49 -10.13 -6.70
N GLY A 286 4.98 -10.75 -7.75
CA GLY A 286 5.75 -11.76 -8.45
C GLY A 286 5.16 -13.16 -8.44
N ILE A 287 5.85 -14.08 -9.09
CA ILE A 287 5.42 -15.47 -9.19
C ILE A 287 5.39 -16.16 -7.83
N CYS A 288 6.45 -16.00 -7.05
CA CYS A 288 6.50 -16.65 -5.74
C CYS A 288 5.32 -16.30 -4.86
N ARG A 289 5.06 -15.01 -4.71
CA ARG A 289 3.94 -14.58 -3.88
C ARG A 289 2.59 -15.01 -4.46
N THR A 290 2.49 -15.04 -5.79
CA THR A 290 1.25 -15.46 -6.41
C THR A 290 1.00 -16.93 -6.12
N LEU A 291 2.07 -17.72 -6.12
CA LEU A 291 1.96 -19.15 -5.83
C LEU A 291 1.44 -19.40 -4.42
N ARG A 292 1.68 -18.46 -3.51
CA ARG A 292 1.17 -18.62 -2.14
C ARG A 292 -0.34 -18.47 -2.15
N VAL A 293 -0.84 -17.54 -2.96
CA VAL A 293 -2.27 -17.34 -3.10
C VAL A 293 -2.88 -18.55 -3.80
N VAL A 294 -2.18 -19.08 -4.80
CA VAL A 294 -2.65 -20.25 -5.52
C VAL A 294 -2.84 -21.39 -4.52
N GLU A 295 -1.87 -21.55 -3.63
CA GLU A 295 -1.94 -22.61 -2.61
C GLU A 295 -3.12 -22.39 -1.66
N MET A 296 -3.36 -21.14 -1.26
CA MET A 296 -4.47 -20.84 -0.37
C MET A 296 -5.78 -21.20 -1.07
N ALA A 297 -5.82 -20.90 -2.36
CA ALA A 297 -6.99 -21.15 -3.18
C ALA A 297 -7.34 -22.62 -3.32
N ARG A 298 -6.36 -23.46 -3.64
CA ARG A 298 -6.65 -24.86 -3.81
C ARG A 298 -7.01 -25.50 -2.48
N ALA A 299 -6.36 -25.07 -1.41
CA ALA A 299 -6.64 -25.63 -0.09
C ALA A 299 -8.12 -25.41 0.23
N ALA A 300 -8.66 -24.30 -0.28
CA ALA A 300 -10.07 -23.97 -0.05
C ALA A 300 -10.93 -24.48 -1.19
N GLY A 301 -10.30 -25.11 -2.17
CA GLY A 301 -11.03 -25.65 -3.31
C GLY A 301 -11.57 -24.59 -4.26
N LEU A 302 -10.81 -23.51 -4.44
CA LEU A 302 -11.21 -22.43 -5.33
C LEU A 302 -10.31 -22.36 -6.55
N PRO A 303 -10.89 -22.11 -7.74
CA PRO A 303 -10.12 -22.02 -8.97
C PRO A 303 -9.39 -20.68 -9.05
N VAL A 304 -8.30 -20.65 -9.80
CA VAL A 304 -7.52 -19.43 -9.95
C VAL A 304 -7.55 -18.92 -11.38
N THR A 305 -8.16 -17.76 -11.59
CA THR A 305 -8.24 -17.14 -12.91
C THR A 305 -7.61 -15.75 -12.81
N PRO A 306 -6.28 -15.69 -12.93
CA PRO A 306 -5.49 -14.46 -12.86
C PRO A 306 -5.96 -13.29 -13.70
N HIS A 307 -5.56 -12.11 -13.25
CA HIS A 307 -5.85 -10.88 -13.96
C HIS A 307 -4.59 -10.46 -14.70
N CYS A 308 -4.76 -10.15 -15.98
CA CYS A 308 -3.68 -9.66 -16.84
C CYS A 308 -4.45 -8.91 -17.91
N ALA A 309 -4.34 -7.58 -17.85
CA ALA A 309 -5.12 -6.70 -18.73
C ALA A 309 -4.45 -5.98 -19.89
N ASN A 310 -3.21 -6.32 -20.21
CA ASN A 310 -2.55 -5.64 -21.33
C ASN A 310 -1.48 -6.51 -21.93
N TRP A 311 -0.90 -6.05 -23.05
CA TRP A 311 0.12 -6.83 -23.71
C TRP A 311 1.55 -6.58 -23.28
N SER A 312 1.71 -6.16 -22.02
CA SER A 312 3.05 -6.03 -21.49
C SER A 312 3.30 -7.50 -21.21
N LEU A 313 4.35 -7.84 -20.47
CA LEU A 313 4.62 -9.24 -20.17
C LEU A 313 3.68 -9.87 -19.15
N VAL A 314 2.84 -9.07 -18.51
CA VAL A 314 1.93 -9.62 -17.50
C VAL A 314 1.11 -10.80 -18.02
N THR A 315 0.65 -10.72 -19.27
CA THR A 315 -0.13 -11.80 -19.85
C THR A 315 0.72 -13.06 -20.07
N LEU A 316 1.93 -12.89 -20.57
CA LEU A 316 2.81 -14.04 -20.80
C LEU A 316 3.14 -14.72 -19.48
N PHE A 317 3.41 -13.93 -18.44
CA PHE A 317 3.73 -14.50 -17.13
C PHE A 317 2.57 -15.39 -16.68
N THR A 318 1.35 -14.90 -16.90
CA THR A 318 0.13 -15.62 -16.53
C THR A 318 -0.04 -16.91 -17.34
N MET A 319 0.35 -16.85 -18.62
CA MET A 319 0.26 -18.03 -19.48
C MET A 319 1.13 -19.15 -18.92
N HIS A 320 2.34 -18.80 -18.49
CA HIS A 320 3.24 -19.80 -17.92
C HIS A 320 2.68 -20.34 -16.61
N LEU A 321 2.08 -19.47 -15.81
CA LEU A 321 1.52 -19.87 -14.53
C LEU A 321 0.35 -20.84 -14.72
N LEU A 322 -0.56 -20.50 -15.64
CA LEU A 322 -1.72 -21.34 -15.91
C LEU A 322 -1.37 -22.72 -16.43
N ARG A 323 -0.20 -22.84 -17.06
CA ARG A 323 0.25 -24.12 -17.59
C ARG A 323 0.94 -24.95 -16.51
N ALA A 324 1.03 -24.41 -15.30
CA ALA A 324 1.71 -25.11 -14.22
C ALA A 324 0.87 -25.39 -12.97
N ILE A 325 -0.05 -24.50 -12.62
CA ILE A 325 -0.85 -24.71 -11.42
C ILE A 325 -1.98 -25.73 -11.61
N PRO A 326 -2.21 -26.57 -10.59
CA PRO A 326 -3.24 -27.61 -10.60
C PRO A 326 -4.70 -27.15 -10.53
N ASN A 327 -4.94 -25.94 -10.04
CA ASN A 327 -6.29 -25.44 -9.90
C ASN A 327 -6.56 -24.20 -10.75
N ALA A 328 -6.09 -24.24 -12.00
CA ALA A 328 -6.29 -23.12 -12.91
C ALA A 328 -7.76 -22.97 -13.29
N GLY A 329 -8.15 -21.72 -13.57
CA GLY A 329 -9.52 -21.45 -13.96
C GLY A 329 -9.76 -21.90 -15.38
N LYS A 330 -10.85 -21.42 -15.97
CA LYS A 330 -11.24 -21.78 -17.32
C LYS A 330 -10.43 -21.17 -18.46
N TYR A 331 -9.86 -20.00 -18.23
CA TYR A 331 -9.12 -19.32 -19.29
C TYR A 331 -8.23 -18.16 -18.90
N LEU A 332 -7.43 -17.73 -19.87
CA LEU A 332 -6.49 -16.62 -19.72
C LEU A 332 -7.16 -15.31 -20.13
N GLU A 333 -7.06 -14.28 -19.30
CA GLU A 333 -7.64 -13.01 -19.68
C GLU A 333 -6.75 -12.46 -20.79
N PHE A 334 -7.36 -12.15 -21.94
CA PHE A 334 -6.59 -11.63 -23.07
C PHE A 334 -7.17 -10.33 -23.58
N SER A 335 -6.50 -9.23 -23.26
CA SER A 335 -6.96 -7.93 -23.71
C SER A 335 -7.06 -7.87 -25.23
N ILE A 336 -8.16 -7.35 -25.75
CA ILE A 336 -8.31 -7.23 -27.19
C ILE A 336 -8.31 -5.77 -27.65
N GLU A 337 -7.85 -4.89 -26.77
CA GLU A 337 -7.79 -3.45 -27.08
C GLU A 337 -6.62 -3.17 -28.01
N GLY A 338 -6.72 -2.07 -28.76
CA GLY A 338 -5.68 -1.70 -29.70
C GLY A 338 -4.81 -0.55 -29.18
N PRO A 339 -3.95 0.02 -30.05
CA PRO A 339 -3.06 1.14 -29.72
C PRO A 339 -3.76 2.41 -29.24
N ASP A 340 -5.05 2.53 -29.53
CA ASP A 340 -5.80 3.71 -29.12
C ASP A 340 -6.03 3.68 -27.61
N TYR A 341 -5.97 2.48 -27.04
CA TYR A 341 -6.18 2.31 -25.61
C TYR A 341 -4.85 2.11 -24.89
N TYR A 342 -3.97 1.31 -25.51
CA TYR A 342 -2.65 1.03 -24.95
C TYR A 342 -1.58 1.39 -25.97
N PRO A 343 -1.38 2.70 -26.22
CA PRO A 343 -0.37 3.11 -27.20
C PRO A 343 1.05 2.67 -26.84
N TRP A 344 1.31 2.53 -25.55
CA TRP A 344 2.63 2.16 -25.06
C TRP A 344 3.04 0.70 -25.23
N GLN A 345 2.10 -0.20 -25.49
CA GLN A 345 2.45 -1.61 -25.63
C GLN A 345 2.93 -2.02 -27.01
N GLU A 346 2.88 -1.09 -27.95
CA GLU A 346 3.34 -1.39 -29.29
C GLU A 346 4.85 -1.31 -29.37
N GLY A 347 5.47 -2.31 -29.98
CA GLY A 347 6.91 -2.32 -30.14
C GLY A 347 7.74 -2.71 -28.93
N LEU A 348 7.13 -3.38 -27.95
CA LEU A 348 7.88 -3.77 -26.76
C LEU A 348 8.82 -4.95 -27.00
N PHE A 349 8.38 -5.88 -27.85
CA PHE A 349 9.16 -7.09 -28.10
C PHE A 349 9.62 -7.29 -29.53
N VAL A 350 10.73 -8.02 -29.69
CA VAL A 350 11.28 -8.32 -31.00
C VAL A 350 10.20 -9.06 -31.79
N LYS A 351 9.57 -10.02 -31.13
CA LYS A 351 8.50 -10.80 -31.73
C LYS A 351 7.43 -11.01 -30.66
N THR A 352 6.20 -10.62 -30.97
CA THR A 352 5.12 -10.75 -29.99
C THR A 352 4.85 -12.20 -29.61
N PRO A 353 4.63 -12.44 -28.30
CA PRO A 353 4.35 -13.80 -27.84
C PRO A 353 2.85 -14.02 -27.79
N TYR A 354 2.10 -13.03 -28.26
CA TYR A 354 0.64 -13.10 -28.17
C TYR A 354 -0.21 -13.45 -29.39
N GLU A 355 0.36 -14.18 -30.35
CA GLU A 355 -0.45 -14.57 -31.51
C GLU A 355 -1.47 -15.60 -31.04
N ILE A 356 -2.73 -15.38 -31.40
CA ILE A 356 -3.78 -16.29 -31.01
C ILE A 356 -3.99 -17.37 -32.08
N GLU A 357 -4.17 -18.61 -31.62
CA GLU A 357 -4.40 -19.74 -32.51
C GLU A 357 -5.75 -20.33 -32.12
N ASP A 358 -6.78 -20.03 -32.90
CA ASP A 358 -8.13 -20.51 -32.65
C ASP A 358 -8.57 -20.33 -31.18
N GLY A 359 -8.51 -19.10 -30.69
CA GLY A 359 -8.92 -18.82 -29.32
C GLY A 359 -7.96 -19.20 -28.22
N HIS A 360 -6.76 -19.66 -28.57
CA HIS A 360 -5.76 -20.04 -27.58
C HIS A 360 -4.44 -19.30 -27.75
N ALA A 361 -3.74 -19.10 -26.62
CA ALA A 361 -2.44 -18.46 -26.62
C ALA A 361 -1.48 -19.62 -26.45
N ARG A 362 -0.18 -19.40 -26.70
CA ARG A 362 0.76 -20.50 -26.58
C ARG A 362 2.01 -20.21 -25.78
N VAL A 363 2.33 -21.14 -24.88
CA VAL A 363 3.55 -21.07 -24.08
C VAL A 363 4.47 -21.99 -24.87
N THR A 364 5.54 -21.45 -25.44
CA THR A 364 6.49 -22.25 -26.21
C THR A 364 7.53 -22.88 -25.30
N ASP A 365 8.42 -23.68 -25.86
CA ASP A 365 9.46 -24.33 -25.06
C ASP A 365 10.73 -23.50 -24.98
N ALA A 366 10.69 -22.26 -25.47
CA ALA A 366 11.86 -21.38 -25.41
C ALA A 366 12.25 -21.21 -23.94
N PRO A 367 13.55 -21.21 -23.64
CA PRO A 367 14.00 -21.06 -22.25
C PRO A 367 13.52 -19.76 -21.59
N GLY A 368 13.14 -19.85 -20.32
CA GLY A 368 12.67 -18.67 -19.62
C GLY A 368 11.28 -18.28 -20.08
N TRP A 369 11.04 -16.98 -20.21
CA TRP A 369 9.73 -16.50 -20.64
C TRP A 369 9.55 -16.71 -22.15
N GLY A 370 10.68 -16.83 -22.86
CA GLY A 370 10.63 -17.04 -24.30
C GLY A 370 10.31 -15.79 -25.09
N VAL A 371 10.83 -14.65 -24.65
CA VAL A 371 10.58 -13.39 -25.33
C VAL A 371 11.84 -12.52 -25.25
N GLU A 372 11.96 -11.57 -26.19
CA GLU A 372 13.10 -10.67 -26.22
C GLU A 372 12.59 -9.23 -26.24
N ILE A 373 13.16 -8.37 -25.39
CA ILE A 373 12.74 -6.98 -25.36
C ILE A 373 13.34 -6.28 -26.57
N SER A 374 12.55 -5.46 -27.24
CA SER A 374 13.01 -4.71 -28.41
C SER A 374 14.25 -3.86 -28.13
N PRO A 375 15.33 -4.05 -28.91
CA PRO A 375 16.53 -3.25 -28.69
C PRO A 375 16.23 -1.76 -28.87
N GLU A 376 15.31 -1.44 -29.77
CA GLU A 376 14.93 -0.05 -30.03
C GLU A 376 14.22 0.57 -28.82
N TRP A 377 13.35 -0.21 -28.20
CA TRP A 377 12.61 0.26 -27.03
C TRP A 377 13.60 0.50 -25.90
N LEU A 378 14.55 -0.41 -25.73
CA LEU A 378 15.55 -0.27 -24.68
C LEU A 378 16.43 0.96 -24.90
N ALA A 379 16.73 1.26 -26.16
CA ALA A 379 17.56 2.40 -26.47
C ALA A 379 16.92 3.71 -25.99
N ARG A 380 15.60 3.78 -26.08
CA ARG A 380 14.86 4.97 -25.68
C ARG A 380 14.47 5.02 -24.20
N SER A 381 14.74 3.94 -23.48
CA SER A 381 14.35 3.86 -22.07
C SER A 381 15.24 4.62 -21.09
N GLN A 382 14.75 4.76 -19.85
CA GLN A 382 15.50 5.41 -18.79
C GLN A 382 16.16 4.24 -18.07
N TYR A 383 17.48 4.27 -17.98
CA TYR A 383 18.26 3.21 -17.35
C TYR A 383 18.72 3.51 -15.92
N GLN A 384 18.68 2.49 -15.08
CA GLN A 384 19.15 2.64 -13.70
C GLN A 384 19.67 1.29 -13.24
N SER A 385 20.78 1.30 -12.53
CA SER A 385 21.36 0.06 -12.06
C SER A 385 21.80 0.11 -10.61
N SER A 386 21.75 -1.04 -9.97
CA SER A 386 22.18 -1.22 -8.59
C SER A 386 23.09 -2.45 -8.62
N GLU A 387 24.31 -2.29 -8.12
CA GLU A 387 25.27 -3.39 -8.11
C GLU A 387 26.03 -3.45 -6.79
N ILE A 388 26.76 -4.53 -6.59
CA ILE A 388 27.55 -4.68 -5.37
C ILE A 388 29.02 -4.95 -5.73
N SER B 22 -11.14 32.05 -0.50
CA SER B 22 -11.34 31.11 -1.65
C SER B 22 -11.17 29.67 -1.16
N MET B 23 -11.95 28.77 -1.76
CA MET B 23 -11.93 27.37 -1.38
C MET B 23 -11.55 26.44 -2.54
N LYS B 24 -10.99 27.00 -3.60
CA LYS B 24 -10.56 26.19 -4.74
C LYS B 24 -9.06 26.26 -4.92
N LEU B 25 -8.42 25.09 -4.98
CA LEU B 25 -6.98 25.04 -5.15
C LEU B 25 -6.52 25.42 -6.54
N LYS B 26 -5.54 26.32 -6.56
CA LYS B 26 -4.96 26.82 -7.79
C LYS B 26 -3.62 26.14 -8.04
N ALA B 27 -2.89 25.89 -6.96
CA ALA B 27 -1.58 25.26 -7.08
C ALA B 27 -1.15 24.43 -5.88
N ILE B 28 -0.28 23.46 -6.14
CA ILE B 28 0.29 22.60 -5.11
C ILE B 28 1.77 22.49 -5.45
N GLU B 29 2.61 22.92 -4.51
CA GLU B 29 4.06 22.89 -4.69
C GLU B 29 4.71 22.05 -3.60
N THR B 30 5.82 21.39 -3.93
CA THR B 30 6.56 20.61 -2.95
C THR B 30 8.02 21.05 -2.95
N PHE B 31 8.62 20.99 -1.77
CA PHE B 31 10.02 21.36 -1.55
C PHE B 31 10.53 20.18 -0.74
N THR B 32 11.40 19.38 -1.34
CA THR B 32 11.83 18.17 -0.67
C THR B 32 13.28 17.72 -0.84
N ASN B 33 13.70 16.82 0.03
CA ASN B 33 15.00 16.17 -0.11
C ASN B 33 14.61 14.71 0.12
N ASP B 34 15.57 13.80 0.23
CA ASP B 34 15.22 12.40 0.40
C ASP B 34 14.53 12.03 1.73
N ALA B 35 14.75 12.82 2.76
CA ALA B 35 14.18 12.53 4.08
C ALA B 35 12.85 13.21 4.41
N VAL B 36 12.67 14.45 3.95
CA VAL B 36 11.42 15.15 4.25
C VAL B 36 11.05 16.14 3.14
N GLY B 37 9.75 16.33 2.96
CA GLY B 37 9.26 17.24 1.95
C GLY B 37 8.07 18.04 2.43
N PHE B 38 8.09 19.34 2.20
CA PHE B 38 7.00 20.22 2.62
C PHE B 38 6.11 20.56 1.43
N VAL B 39 4.85 20.85 1.72
CA VAL B 39 3.88 21.17 0.68
C VAL B 39 3.26 22.53 0.92
N ARG B 40 3.13 23.32 -0.15
CA ARG B 40 2.48 24.60 -0.03
C ARG B 40 1.32 24.60 -1.00
N VAL B 41 0.12 24.94 -0.51
CA VAL B 41 -1.04 25.00 -1.38
C VAL B 41 -1.46 26.45 -1.51
N THR B 42 -2.01 26.79 -2.67
CA THR B 42 -2.46 28.16 -2.95
C THR B 42 -3.86 28.12 -3.52
N THR B 43 -4.79 28.86 -2.91
CA THR B 43 -6.15 28.90 -3.43
C THR B 43 -6.21 29.99 -4.51
N GLN B 44 -7.32 30.06 -5.24
CA GLN B 44 -7.44 31.04 -6.30
C GLN B 44 -7.30 32.48 -5.83
N ASP B 45 -7.70 32.76 -4.60
CA ASP B 45 -7.60 34.12 -4.08
C ASP B 45 -6.17 34.44 -3.64
N GLY B 46 -5.29 33.46 -3.72
CA GLY B 46 -3.90 33.68 -3.35
C GLY B 46 -3.48 33.24 -1.96
N ALA B 47 -4.43 32.79 -1.15
CA ALA B 47 -4.12 32.34 0.21
C ALA B 47 -3.26 31.08 0.15
N GLN B 48 -2.34 30.94 1.10
CA GLN B 48 -1.45 29.78 1.12
C GLN B 48 -1.36 29.09 2.46
N GLY B 49 -1.09 27.79 2.41
CA GLY B 49 -0.95 26.99 3.62
C GLY B 49 0.21 26.02 3.43
N TRP B 50 0.87 25.67 4.54
CA TRP B 50 2.01 24.76 4.50
C TRP B 50 1.76 23.45 5.24
N GLY B 51 2.14 22.35 4.61
CA GLY B 51 1.97 21.05 5.23
C GLY B 51 3.23 20.24 4.97
N GLN B 52 3.15 18.94 5.22
CA GLN B 52 4.32 18.09 5.02
C GLN B 52 3.90 16.67 4.67
N VAL B 53 4.62 16.02 3.77
CA VAL B 53 4.30 14.64 3.45
C VAL B 53 5.04 13.83 4.50
N SER B 54 4.76 12.54 4.60
CA SER B 54 5.46 11.72 5.58
C SER B 54 6.96 11.69 5.31
N THR B 55 7.76 11.60 6.37
CA THR B 55 9.21 11.54 6.21
C THR B 55 9.61 10.16 5.64
N TYR B 56 10.84 10.07 5.13
CA TYR B 56 11.44 8.86 4.56
C TYR B 56 11.07 8.65 3.10
N HIS B 57 12.09 8.72 2.25
CA HIS B 57 11.93 8.60 0.80
C HIS B 57 10.86 9.61 0.36
N ALA B 58 10.91 10.79 1.00
CA ALA B 58 9.97 11.87 0.71
C ALA B 58 10.04 12.34 -0.73
N ASP B 59 11.19 12.16 -1.37
CA ASP B 59 11.32 12.59 -2.75
C ASP B 59 10.39 11.72 -3.62
N ILE B 60 10.31 10.42 -3.31
CA ILE B 60 9.43 9.54 -4.07
C ILE B 60 7.97 9.92 -3.78
N THR B 61 7.68 10.19 -2.51
CA THR B 61 6.34 10.58 -2.12
C THR B 61 5.91 11.84 -2.86
N CYS B 62 6.81 12.80 -3.00
CA CYS B 62 6.46 14.04 -3.69
C CYS B 62 6.22 13.79 -5.18
N THR B 63 6.93 12.83 -5.75
CA THR B 63 6.71 12.49 -7.15
C THR B 63 5.31 11.90 -7.27
N VAL B 64 4.95 11.05 -6.33
CA VAL B 64 3.63 10.42 -6.31
C VAL B 64 2.56 11.49 -6.11
N LEU B 65 2.84 12.48 -5.27
CA LEU B 65 1.87 13.53 -5.01
C LEU B 65 1.47 14.27 -6.29
N HIS B 66 2.45 14.66 -7.09
CA HIS B 66 2.14 15.38 -8.33
C HIS B 66 1.56 14.49 -9.41
N ARG B 67 1.97 13.23 -9.42
CA ARG B 67 1.50 12.29 -10.41
C ARG B 67 0.11 11.74 -10.12
N GLN B 68 -0.16 11.48 -8.84
CA GLN B 68 -1.44 10.86 -8.48
C GLN B 68 -2.38 11.56 -7.52
N VAL B 69 -1.95 12.69 -6.93
CA VAL B 69 -2.84 13.39 -6.01
C VAL B 69 -3.28 14.75 -6.57
N ALA B 70 -2.31 15.57 -6.92
CA ALA B 70 -2.58 16.91 -7.44
C ALA B 70 -3.58 16.96 -8.59
N PRO B 71 -3.48 16.03 -9.55
CA PRO B 71 -4.42 16.05 -10.68
C PRO B 71 -5.90 15.96 -10.28
N TRP B 72 -6.17 15.30 -9.17
CA TRP B 72 -7.56 15.14 -8.72
C TRP B 72 -8.03 16.22 -7.76
N MET B 73 -7.09 16.99 -7.22
CA MET B 73 -7.43 18.04 -6.26
C MET B 73 -7.40 19.47 -6.80
N LEU B 74 -6.56 19.70 -7.80
CA LEU B 74 -6.46 21.03 -8.38
C LEU B 74 -7.77 21.48 -8.98
N GLY B 75 -8.16 22.72 -8.71
CA GLY B 75 -9.39 23.26 -9.24
C GLY B 75 -10.66 22.84 -8.52
N GLN B 76 -10.54 21.96 -7.54
CA GLN B 76 -11.70 21.49 -6.79
C GLN B 76 -11.94 22.30 -5.54
N ASP B 77 -13.19 22.26 -5.05
CA ASP B 77 -13.56 22.96 -3.83
C ASP B 77 -13.07 22.12 -2.66
N ILE B 78 -12.26 22.73 -1.79
CA ILE B 78 -11.71 22.02 -0.64
C ILE B 78 -12.54 22.16 0.62
N THR B 79 -13.81 22.54 0.46
CA THR B 79 -14.69 22.69 1.62
C THR B 79 -14.91 21.30 2.21
N ASP B 80 -15.25 20.33 1.37
CA ASP B 80 -15.46 18.97 1.82
C ASP B 80 -14.20 18.18 1.45
N LEU B 81 -13.15 18.41 2.22
CA LEU B 81 -11.87 17.75 1.98
C LEU B 81 -11.96 16.23 2.12
N ASP B 82 -12.80 15.76 3.04
CA ASP B 82 -12.97 14.32 3.24
C ASP B 82 -13.40 13.61 1.97
N ASP B 83 -14.40 14.16 1.29
CA ASP B 83 -14.88 13.55 0.06
C ASP B 83 -13.84 13.68 -1.05
N LEU B 84 -13.17 14.83 -1.11
CA LEU B 84 -12.16 15.03 -2.14
C LEU B 84 -11.04 14.00 -2.00
N LEU B 85 -10.65 13.72 -0.75
CA LEU B 85 -9.60 12.72 -0.48
C LEU B 85 -10.09 11.33 -0.88
N ASP B 86 -11.39 11.06 -0.69
CA ASP B 86 -11.92 9.75 -1.07
C ASP B 86 -11.86 9.63 -2.59
N ILE B 87 -12.12 10.72 -3.29
CA ILE B 87 -12.06 10.72 -4.74
C ILE B 87 -10.66 10.37 -5.18
N VAL B 88 -9.65 10.91 -4.50
CA VAL B 88 -8.26 10.61 -4.86
C VAL B 88 -7.99 9.11 -4.75
N THR B 89 -8.40 8.50 -3.63
CA THR B 89 -8.18 7.07 -3.44
C THR B 89 -8.99 6.21 -4.40
N GLU B 90 -10.16 6.70 -4.81
CA GLU B 90 -10.98 5.94 -5.74
C GLU B 90 -10.42 6.05 -7.16
N ARG B 91 -9.96 7.24 -7.54
CA ARG B 91 -9.38 7.43 -8.86
C ARG B 91 -8.06 6.64 -8.96
N GLU B 92 -7.39 6.47 -7.83
CA GLU B 92 -6.13 5.75 -7.81
C GLU B 92 -6.31 4.42 -7.07
N HIS B 93 -7.46 3.78 -7.29
CA HIS B 93 -7.78 2.52 -6.61
C HIS B 93 -6.83 1.36 -6.93
N LYS B 94 -6.03 1.51 -7.98
CA LYS B 94 -5.08 0.47 -8.36
C LYS B 94 -3.79 0.64 -7.54
N PHE B 95 -3.77 1.69 -6.71
CA PHE B 95 -2.59 1.96 -5.90
C PHE B 95 -2.88 2.00 -4.41
N PRO B 96 -3.40 0.90 -3.86
CA PRO B 96 -3.68 0.88 -2.42
C PRO B 96 -2.34 0.83 -1.70
N GLY B 97 -2.24 1.49 -0.56
CA GLY B 97 -0.98 1.45 0.15
C GLY B 97 -0.44 2.76 0.65
N SER B 98 0.77 2.68 1.21
CA SER B 98 1.45 3.80 1.83
C SER B 98 1.78 5.06 1.03
N TYR B 99 2.43 4.91 -0.12
CA TYR B 99 2.83 6.09 -0.87
C TYR B 99 1.73 7.08 -1.22
N LEU B 100 0.58 6.62 -1.71
CA LEU B 100 -0.50 7.56 -2.03
C LEU B 100 -0.96 8.32 -0.78
N ARG B 101 -1.06 7.62 0.34
CA ARG B 101 -1.50 8.27 1.58
C ARG B 101 -0.45 9.23 2.11
N ARG B 102 0.81 8.84 2.00
CA ARG B 102 1.90 9.71 2.46
C ARG B 102 1.86 11.03 1.70
N ALA B 103 1.50 10.95 0.43
CA ALA B 103 1.43 12.12 -0.45
C ALA B 103 0.18 12.95 -0.13
N MET B 104 -0.96 12.27 0.00
CA MET B 104 -2.21 12.93 0.33
C MET B 104 -2.07 13.72 1.64
N ALA B 105 -1.34 13.13 2.58
CA ALA B 105 -1.16 13.77 3.88
C ALA B 105 -0.54 15.16 3.77
N GLY B 106 0.32 15.34 2.79
CA GLY B 106 0.97 16.63 2.60
C GLY B 106 0.00 17.70 2.12
N VAL B 107 -0.91 17.33 1.23
CA VAL B 107 -1.87 18.30 0.74
C VAL B 107 -2.89 18.59 1.85
N ASP B 108 -3.30 17.54 2.55
CA ASP B 108 -4.27 17.67 3.65
C ASP B 108 -3.75 18.61 4.74
N THR B 109 -2.55 18.35 5.24
CA THR B 109 -2.01 19.19 6.29
C THR B 109 -1.77 20.63 5.85
N ALA B 110 -1.46 20.84 4.58
CA ALA B 110 -1.25 22.21 4.08
C ALA B 110 -2.59 22.94 4.05
N ILE B 111 -3.65 22.20 3.74
CA ILE B 111 -5.00 22.77 3.70
C ILE B 111 -5.43 23.16 5.10
N TRP B 112 -5.10 22.37 6.11
CA TRP B 112 -5.49 22.74 7.47
C TRP B 112 -4.75 24.00 7.92
N ASP B 113 -3.48 24.13 7.53
CA ASP B 113 -2.70 25.30 7.87
C ASP B 113 -3.35 26.52 7.21
N LEU B 114 -3.77 26.35 5.95
CA LEU B 114 -4.42 27.44 5.21
C LEU B 114 -5.69 27.88 5.92
N ARG B 115 -6.48 26.92 6.38
CA ARG B 115 -7.73 27.23 7.06
C ARG B 115 -7.46 27.98 8.36
N GLY B 116 -6.49 27.50 9.12
CA GLY B 116 -6.15 28.16 10.37
C GLY B 116 -5.71 29.60 10.13
N LYS B 117 -4.92 29.81 9.09
CA LYS B 117 -4.43 31.15 8.78
C LYS B 117 -5.56 32.05 8.26
N GLN B 118 -6.50 31.48 7.50
CA GLN B 118 -7.62 32.26 6.98
C GLN B 118 -8.52 32.70 8.13
N GLN B 119 -8.59 31.87 9.17
CA GLN B 119 -9.43 32.15 10.32
C GLN B 119 -8.70 32.78 11.51
N GLY B 120 -7.38 32.92 11.39
CA GLY B 120 -6.60 33.49 12.48
C GLY B 120 -6.62 32.60 13.72
N LYS B 121 -6.61 31.29 13.51
CA LYS B 121 -6.65 30.34 14.61
C LYS B 121 -5.69 29.18 14.44
N PRO B 122 -5.19 28.63 15.56
CA PRO B 122 -4.27 27.49 15.42
C PRO B 122 -5.15 26.34 14.93
N VAL B 123 -4.57 25.38 14.23
CA VAL B 123 -5.35 24.25 13.73
C VAL B 123 -6.13 23.56 14.85
N ALA B 124 -5.52 23.45 16.02
CA ALA B 124 -6.18 22.82 17.17
C ALA B 124 -7.55 23.43 17.43
N GLU B 125 -7.66 24.75 17.26
CA GLU B 125 -8.93 25.43 17.47
C GLU B 125 -9.88 25.17 16.31
N VAL B 126 -9.35 25.13 15.10
CA VAL B 126 -10.19 24.87 13.93
C VAL B 126 -10.83 23.49 14.09
N LEU B 127 -10.08 22.58 14.72
CA LEU B 127 -10.55 21.22 14.95
C LEU B 127 -11.50 21.10 16.14
N GLY B 128 -11.81 22.22 16.78
CA GLY B 128 -12.72 22.20 17.92
C GLY B 128 -12.03 22.16 19.27
N GLY B 129 -10.71 22.24 19.27
CA GLY B 129 -9.96 22.20 20.52
C GLY B 129 -9.44 23.56 20.94
N THR B 130 -8.42 23.57 21.79
CA THR B 130 -7.85 24.82 22.29
C THR B 130 -6.33 24.72 22.40
N PRO B 131 -5.64 25.86 22.30
CA PRO B 131 -4.17 25.82 22.41
C PRO B 131 -3.81 25.52 23.85
N GLY B 132 -2.61 25.01 24.07
CA GLY B 132 -2.21 24.69 25.44
C GLY B 132 -1.14 23.62 25.49
N LEU B 133 -0.89 23.10 26.70
CA LEU B 133 0.13 22.09 26.91
C LEU B 133 -0.34 20.66 26.68
N ILE B 134 0.59 19.80 26.27
CA ILE B 134 0.32 18.39 26.06
C ILE B 134 1.46 17.64 26.71
N ARG B 135 1.13 16.72 27.62
CA ARG B 135 2.17 15.95 28.28
C ARG B 135 2.84 15.07 27.24
N ALA B 136 4.17 14.98 27.29
CA ALA B 136 4.91 14.17 26.33
C ALA B 136 5.68 13.06 26.99
N TYR B 137 5.93 11.98 26.24
CA TYR B 137 6.73 10.90 26.79
C TYR B 137 8.02 10.83 25.97
N ALA B 138 9.16 10.74 26.65
CA ALA B 138 10.45 10.67 25.98
C ALA B 138 10.54 9.33 25.26
N SER B 139 10.66 9.39 23.94
CA SER B 139 10.70 8.17 23.16
C SER B 139 12.07 7.84 22.56
N SER B 140 12.63 6.71 22.97
CA SER B 140 13.91 6.25 22.46
C SER B 140 13.65 5.38 21.23
N MET B 141 14.43 5.59 20.17
CA MET B 141 14.25 4.84 18.93
C MET B 141 15.28 3.72 18.77
N LYS B 142 16.32 3.75 19.58
CA LYS B 142 17.40 2.78 19.49
C LYS B 142 17.26 1.42 20.16
N ARG B 143 17.90 0.43 19.53
CA ARG B 143 17.97 -0.93 20.03
C ARG B 143 19.46 -1.24 20.19
N ASP B 144 20.28 -0.51 19.45
CA ASP B 144 21.72 -0.69 19.52
C ASP B 144 22.30 0.23 20.58
N ILE B 145 21.68 0.18 21.76
CA ILE B 145 22.12 0.97 22.90
C ILE B 145 21.88 0.04 24.08
N THR B 146 22.87 -0.07 24.95
CA THR B 146 22.73 -0.95 26.10
C THR B 146 21.70 -0.42 27.08
N PRO B 147 21.07 -1.31 27.85
CA PRO B 147 20.07 -0.86 28.82
C PRO B 147 20.65 0.17 29.78
N ARG B 148 21.93 0.00 30.11
CA ARG B 148 22.62 0.91 31.03
C ARG B 148 22.73 2.32 30.46
N ASP B 149 23.17 2.43 29.22
CA ASP B 149 23.30 3.75 28.61
C ASP B 149 21.95 4.37 28.31
N GLU B 150 20.97 3.53 28.00
CA GLU B 150 19.61 4.00 27.72
C GLU B 150 19.03 4.64 28.98
N ALA B 151 19.12 3.93 30.09
CA ALA B 151 18.59 4.44 31.36
C ALA B 151 19.31 5.73 31.75
N GLU B 152 20.62 5.77 31.52
CA GLU B 152 21.42 6.93 31.87
C GLU B 152 20.98 8.18 31.12
N ARG B 153 20.83 8.09 29.80
CA ARG B 153 20.44 9.26 29.04
C ARG B 153 18.99 9.67 29.33
N LEU B 154 18.12 8.71 29.59
CA LEU B 154 16.72 9.03 29.88
C LEU B 154 16.58 9.63 31.27
N LYS B 155 17.39 9.16 32.21
CA LYS B 155 17.35 9.69 33.58
C LYS B 155 17.78 11.16 33.55
N ARG B 156 18.77 11.48 32.72
CA ARG B 156 19.22 12.86 32.64
C ARG B 156 18.14 13.75 32.03
N LEU B 157 17.39 13.21 31.07
CA LEU B 157 16.32 13.98 30.45
C LEU B 157 15.17 14.14 31.44
N ARG B 158 14.98 13.15 32.31
CA ARG B 158 13.94 13.22 33.32
C ARG B 158 14.23 14.42 34.22
N ASP B 159 15.49 14.56 34.62
CA ASP B 159 15.90 15.63 35.51
C ASP B 159 16.07 17.00 34.86
N THR B 160 16.44 17.06 33.59
CA THR B 160 16.65 18.35 32.92
C THR B 160 15.43 18.88 32.15
N GLN B 161 14.63 17.97 31.59
CA GLN B 161 13.46 18.35 30.80
C GLN B 161 12.12 18.18 31.51
N GLY B 162 12.10 17.36 32.55
CA GLY B 162 10.88 17.15 33.31
C GLY B 162 9.97 16.04 32.82
N PHE B 163 10.45 15.20 31.90
CA PHE B 163 9.62 14.09 31.41
C PHE B 163 9.24 13.17 32.56
N THR B 164 8.02 12.63 32.52
CA THR B 164 7.57 11.69 33.55
C THR B 164 7.02 10.41 32.92
N ALA B 165 7.36 10.21 31.64
CA ALA B 165 6.94 9.02 30.89
C ALA B 165 8.07 8.74 29.90
N PHE B 166 8.39 7.46 29.71
CA PHE B 166 9.49 7.06 28.84
C PHE B 166 9.20 5.76 28.09
N LYS B 167 9.60 5.71 26.82
CA LYS B 167 9.41 4.50 26.04
C LYS B 167 10.74 3.99 25.48
N VAL B 168 10.99 2.69 25.63
CA VAL B 168 12.21 2.08 25.13
C VAL B 168 11.83 0.94 24.20
N ARG B 169 12.82 0.22 23.69
CA ARG B 169 12.57 -0.86 22.74
C ARG B 169 12.82 -2.26 23.27
N ALA B 170 12.00 -3.20 22.83
CA ALA B 170 12.09 -4.61 23.21
C ALA B 170 12.35 -5.39 21.93
N GLY B 171 12.96 -6.57 22.08
CA GLY B 171 13.25 -7.42 20.94
C GLY B 171 14.03 -6.76 19.82
N ALA B 172 13.95 -7.36 18.63
CA ALA B 172 14.61 -6.83 17.44
C ALA B 172 13.51 -6.41 16.48
N GLU B 173 13.71 -5.29 15.80
CA GLU B 173 12.72 -4.77 14.85
C GLU B 173 12.31 -5.86 13.85
N VAL B 174 11.02 -6.23 13.86
CA VAL B 174 10.50 -7.29 12.99
C VAL B 174 11.53 -8.42 13.04
N GLY B 175 12.03 -8.69 14.24
CA GLY B 175 13.06 -9.70 14.43
C GLY B 175 12.71 -11.17 14.42
N ARG B 176 11.48 -11.52 14.09
CA ARG B 176 11.07 -12.93 14.05
C ARG B 176 11.35 -13.65 15.37
N ASN B 177 10.93 -13.03 16.47
CA ASN B 177 11.09 -13.57 17.83
C ASN B 177 12.48 -13.43 18.42
N ARG B 178 13.43 -12.95 17.63
CA ARG B 178 14.80 -12.76 18.11
C ARG B 178 15.00 -11.38 18.74
N ASP B 179 15.85 -11.32 19.76
CA ASP B 179 16.13 -10.07 20.47
C ASP B 179 17.33 -9.38 19.80
N GLU B 180 17.55 -8.11 20.10
CA GLU B 180 18.69 -7.38 19.51
C GLU B 180 19.95 -8.18 19.83
N TRP B 181 19.95 -8.78 21.01
CA TRP B 181 21.02 -9.67 21.47
C TRP B 181 20.45 -10.41 22.66
N PRO B 182 20.94 -11.63 22.92
CA PRO B 182 20.46 -12.45 24.03
C PRO B 182 20.33 -11.72 25.37
N GLY B 183 19.11 -11.72 25.89
CA GLY B 183 18.84 -11.10 27.19
C GLY B 183 18.67 -9.60 27.27
N ARG B 184 18.75 -8.88 26.15
CA ARG B 184 18.60 -7.44 26.21
C ARG B 184 17.26 -7.00 26.79
N THR B 185 16.17 -7.62 26.34
CA THR B 185 14.84 -7.24 26.83
C THR B 185 14.68 -7.57 28.30
N GLU B 186 15.18 -8.73 28.72
CA GLU B 186 15.11 -9.14 30.12
C GLU B 186 15.82 -8.14 31.01
N GLU B 187 16.90 -7.55 30.51
CA GLU B 187 17.67 -6.58 31.29
C GLU B 187 17.08 -5.17 31.27
N ILE B 188 16.64 -4.72 30.11
CA ILE B 188 16.12 -3.36 30.00
C ILE B 188 14.87 -3.08 30.83
N ILE B 189 14.02 -4.07 31.01
CA ILE B 189 12.78 -3.86 31.76
C ILE B 189 13.05 -3.45 33.22
N PRO B 190 13.76 -4.30 34.00
CA PRO B 190 14.02 -3.89 35.39
C PRO B 190 14.95 -2.68 35.48
N THR B 191 15.88 -2.56 34.52
CA THR B 191 16.82 -1.44 34.53
C THR B 191 16.10 -0.09 34.45
N MET B 192 15.10 0.01 33.57
CA MET B 192 14.36 1.27 33.46
C MET B 192 13.60 1.60 34.74
N ARG B 193 12.95 0.61 35.33
CA ARG B 193 12.21 0.87 36.56
C ARG B 193 13.16 1.26 37.70
N ARG B 194 14.28 0.55 37.80
CA ARG B 194 15.25 0.84 38.84
C ARG B 194 15.84 2.24 38.71
N GLU B 195 16.31 2.54 37.50
CA GLU B 195 16.95 3.83 37.25
C GLU B 195 16.05 5.05 37.14
N LEU B 196 14.87 4.90 36.53
CA LEU B 196 13.96 6.04 36.39
C LEU B 196 13.03 6.26 37.58
N GLY B 197 12.94 5.26 38.46
CA GLY B 197 12.11 5.40 39.64
C GLY B 197 10.67 4.93 39.51
N ASP B 198 9.97 4.90 40.64
CA ASP B 198 8.58 4.45 40.69
C ASP B 198 7.56 5.50 40.29
N ASP B 199 7.97 6.76 40.22
CA ASP B 199 7.01 7.82 39.91
C ASP B 199 6.95 8.29 38.46
N VAL B 200 7.32 7.41 37.53
CA VAL B 200 7.26 7.74 36.11
C VAL B 200 6.58 6.60 35.37
N ASP B 201 5.99 6.91 34.23
CA ASP B 201 5.35 5.87 33.43
C ASP B 201 6.38 5.27 32.51
N LEU B 202 6.33 3.95 32.36
CA LEU B 202 7.29 3.28 31.50
C LEU B 202 6.53 2.54 30.40
N LEU B 203 6.95 2.78 29.17
CA LEU B 203 6.34 2.17 27.99
C LEU B 203 7.41 1.38 27.24
N ILE B 204 6.99 0.44 26.42
CA ILE B 204 7.95 -0.32 25.64
C ILE B 204 7.33 -0.62 24.28
N ASP B 205 8.17 -0.78 23.27
CA ASP B 205 7.70 -1.03 21.91
C ASP B 205 8.51 -2.19 21.33
N ALA B 206 7.83 -3.24 20.87
CA ALA B 206 8.53 -4.41 20.33
C ALA B 206 8.62 -4.43 18.81
N ASN B 207 8.03 -3.42 18.18
CA ASN B 207 8.03 -3.29 16.72
C ASN B 207 7.86 -4.59 15.94
N SER B 208 6.75 -5.29 16.19
CA SER B 208 6.40 -6.54 15.50
C SER B 208 7.36 -7.71 15.65
N CYS B 209 8.12 -7.75 16.73
CA CYS B 209 9.08 -8.83 16.91
C CYS B 209 8.59 -10.22 17.33
N TYR B 210 7.63 -10.26 18.25
CA TYR B 210 7.16 -11.51 18.84
C TYR B 210 5.98 -12.30 18.32
N THR B 211 5.96 -13.57 18.69
CA THR B 211 4.86 -14.47 18.38
C THR B 211 3.99 -14.23 19.61
N PRO B 212 2.69 -14.56 19.54
CA PRO B 212 1.85 -14.34 20.72
C PRO B 212 2.37 -14.92 22.04
N ASP B 213 2.85 -16.16 22.02
CA ASP B 213 3.36 -16.79 23.23
C ASP B 213 4.55 -16.05 23.83
N ARG B 214 5.52 -15.69 23.00
CA ARG B 214 6.70 -14.98 23.48
C ARG B 214 6.33 -13.58 23.99
N ALA B 215 5.38 -12.94 23.30
CA ALA B 215 4.94 -11.60 23.69
C ALA B 215 4.27 -11.67 25.06
N ILE B 216 3.53 -12.74 25.31
CA ILE B 216 2.85 -12.89 26.59
C ILE B 216 3.88 -13.07 27.71
N GLU B 217 4.97 -13.78 27.42
CA GLU B 217 6.03 -13.97 28.41
C GLU B 217 6.65 -12.61 28.70
N VAL B 218 6.91 -11.84 27.65
CA VAL B 218 7.49 -10.51 27.84
C VAL B 218 6.48 -9.64 28.57
N GLY B 219 5.20 -9.81 28.25
CA GLY B 219 4.15 -9.03 28.88
C GLY B 219 4.15 -9.22 30.39
N HIS B 220 4.38 -10.44 30.84
CA HIS B 220 4.41 -10.74 32.27
C HIS B 220 5.58 -10.01 32.93
N MET B 221 6.71 -9.91 32.25
CA MET B 221 7.85 -9.20 32.82
C MET B 221 7.53 -7.73 32.95
N LEU B 222 6.84 -7.18 31.94
CA LEU B 222 6.47 -5.76 31.96
C LEU B 222 5.52 -5.50 33.12
N GLN B 223 4.51 -6.36 33.27
CA GLN B 223 3.56 -6.19 34.37
C GLN B 223 4.27 -6.32 35.72
N ASP B 224 5.26 -7.20 35.81
CA ASP B 224 6.02 -7.39 37.05
C ASP B 224 6.80 -6.15 37.46
N HIS B 225 7.02 -5.24 36.53
CA HIS B 225 7.75 -4.01 36.86
C HIS B 225 6.95 -2.75 36.63
N GLY B 226 5.63 -2.89 36.64
CA GLY B 226 4.76 -1.75 36.50
C GLY B 226 4.68 -0.99 35.19
N PHE B 227 5.17 -1.55 34.08
CA PHE B 227 5.06 -0.85 32.80
C PHE B 227 3.56 -0.73 32.50
N CYS B 228 3.17 0.30 31.76
CA CYS B 228 1.74 0.50 31.48
C CYS B 228 1.40 0.52 30.00
N HIS B 229 2.36 0.23 29.14
CA HIS B 229 2.13 0.31 27.70
C HIS B 229 3.04 -0.67 26.95
N PHE B 230 2.43 -1.63 26.26
CA PHE B 230 3.16 -2.65 25.49
C PHE B 230 2.77 -2.48 24.01
N GLU B 231 3.65 -1.84 23.26
CA GLU B 231 3.38 -1.54 21.87
C GLU B 231 3.84 -2.53 20.80
N GLU B 232 2.95 -2.78 19.85
CA GLU B 232 3.20 -3.67 18.72
C GLU B 232 3.96 -4.94 19.08
N PRO B 233 3.37 -5.76 19.96
CA PRO B 233 4.03 -7.00 20.38
C PRO B 233 4.26 -8.00 19.25
N CYS B 234 3.30 -8.11 18.35
CA CYS B 234 3.39 -9.05 17.23
C CYS B 234 3.36 -8.36 15.87
N PRO B 235 3.70 -9.09 14.80
CA PRO B 235 3.68 -8.49 13.45
C PRO B 235 2.37 -7.72 13.32
N TYR B 236 2.47 -6.42 13.02
CA TYR B 236 1.29 -5.58 12.94
C TYR B 236 0.20 -6.02 11.95
N TRP B 237 0.59 -6.76 10.92
CA TRP B 237 -0.35 -7.23 9.91
C TRP B 237 -1.11 -8.50 10.32
N GLU B 238 -0.81 -9.00 11.52
CA GLU B 238 -1.49 -10.20 12.03
C GLU B 238 -2.37 -9.78 13.21
N LEU B 239 -3.51 -9.19 12.90
CA LEU B 239 -4.43 -8.70 13.92
C LEU B 239 -4.80 -9.73 14.97
N ALA B 240 -5.05 -10.97 14.55
CA ALA B 240 -5.43 -12.03 15.48
C ALA B 240 -4.34 -12.32 16.51
N GLN B 241 -3.08 -12.27 16.09
CA GLN B 241 -1.96 -12.51 17.01
C GLN B 241 -1.93 -11.41 18.07
N THR B 242 -2.02 -10.18 17.64
CA THR B 242 -2.01 -9.05 18.55
C THR B 242 -3.18 -9.15 19.54
N LYS B 243 -4.35 -9.51 19.03
CA LYS B 243 -5.53 -9.63 19.86
C LYS B 243 -5.35 -10.68 20.96
N GLN B 244 -4.66 -11.77 20.62
CA GLN B 244 -4.42 -12.84 21.59
C GLN B 244 -3.63 -12.28 22.78
N VAL B 245 -2.64 -11.45 22.47
CA VAL B 245 -1.80 -10.84 23.49
C VAL B 245 -2.64 -9.88 24.34
N THR B 246 -3.39 -9.00 23.66
CA THR B 246 -4.24 -8.05 24.34
C THR B 246 -5.18 -8.78 25.30
N ASP B 247 -5.79 -9.86 24.82
CA ASP B 247 -6.72 -10.63 25.66
C ASP B 247 -6.07 -11.32 26.84
N ALA B 248 -4.82 -11.77 26.66
CA ALA B 248 -4.11 -12.48 27.73
C ALA B 248 -3.47 -11.58 28.78
N LEU B 249 -3.06 -10.39 28.38
CA LEU B 249 -2.39 -9.45 29.28
C LEU B 249 -3.27 -8.37 29.89
N ASP B 250 -2.90 -7.93 31.09
CA ASP B 250 -3.61 -6.87 31.78
C ASP B 250 -3.08 -5.53 31.27
N ILE B 251 -1.77 -5.46 31.09
CA ILE B 251 -1.11 -4.24 30.61
C ILE B 251 -1.71 -3.82 29.26
N ASP B 252 -1.85 -2.52 29.03
CA ASP B 252 -2.41 -2.05 27.77
C ASP B 252 -1.53 -2.46 26.59
N VAL B 253 -2.15 -2.99 25.55
CA VAL B 253 -1.43 -3.38 24.34
C VAL B 253 -1.87 -2.37 23.27
N THR B 254 -0.90 -1.79 22.58
CA THR B 254 -1.19 -0.75 21.60
C THR B 254 -0.62 -1.03 20.21
N GLY B 255 -1.11 -0.28 19.22
CA GLY B 255 -0.62 -0.48 17.87
C GLY B 255 -1.40 0.29 16.83
N GLY B 256 -0.94 0.21 15.58
CA GLY B 256 -1.61 0.86 14.47
C GLY B 256 -0.79 1.85 13.66
N GLU B 257 0.43 2.15 14.09
CA GLU B 257 1.22 3.14 13.38
C GLU B 257 1.46 2.90 11.89
N GLN B 258 1.56 1.65 11.47
CA GLN B 258 1.78 1.35 10.05
C GLN B 258 0.49 1.14 9.27
N ASP B 259 -0.65 1.25 9.94
CA ASP B 259 -1.92 1.05 9.26
C ASP B 259 -2.41 2.31 8.56
N CYS B 260 -2.51 2.25 7.23
CA CYS B 260 -2.96 3.39 6.44
C CYS B 260 -4.27 3.11 5.72
N ASP B 261 -4.81 1.91 5.94
CA ASP B 261 -6.05 1.46 5.31
C ASP B 261 -7.24 1.57 6.29
N LEU B 262 -8.21 2.40 5.94
CA LEU B 262 -9.37 2.62 6.80
C LEU B 262 -10.21 1.36 7.09
N PRO B 263 -10.42 0.49 6.09
CA PRO B 263 -11.21 -0.69 6.42
C PRO B 263 -10.45 -1.61 7.39
N THR B 264 -9.13 -1.60 7.33
CA THR B 264 -8.33 -2.41 8.24
C THR B 264 -8.44 -1.81 9.64
N TRP B 265 -8.44 -0.48 9.69
CA TRP B 265 -8.59 0.23 10.97
C TRP B 265 -9.93 -0.16 11.59
N GLN B 266 -10.98 -0.17 10.76
CA GLN B 266 -12.31 -0.52 11.23
C GLN B 266 -12.32 -1.96 11.78
N ARG B 267 -11.65 -2.86 11.08
CA ARG B 267 -11.58 -4.26 11.54
C ARG B 267 -10.83 -4.37 12.86
N MET B 268 -9.69 -3.69 12.96
CA MET B 268 -8.86 -3.72 14.17
C MET B 268 -9.64 -3.24 15.39
N ILE B 269 -10.36 -2.13 15.22
CA ILE B 269 -11.14 -1.57 16.31
C ILE B 269 -12.38 -2.40 16.64
N ASP B 270 -13.09 -2.85 15.62
CA ASP B 270 -14.27 -3.67 15.84
C ASP B 270 -13.95 -4.94 16.62
N MET B 271 -12.81 -5.56 16.32
CA MET B 271 -12.41 -6.79 16.99
C MET B 271 -11.67 -6.54 18.31
N ARG B 272 -11.45 -5.26 18.62
CA ARG B 272 -10.75 -4.86 19.84
C ARG B 272 -9.38 -5.56 19.92
N ALA B 273 -8.61 -5.48 18.84
CA ALA B 273 -7.30 -6.13 18.80
C ALA B 273 -6.28 -5.47 19.73
N VAL B 274 -6.49 -4.20 20.05
CA VAL B 274 -5.60 -3.46 20.94
C VAL B 274 -6.43 -2.65 21.93
N ASP B 275 -5.77 -2.08 22.93
CA ASP B 275 -6.46 -1.27 23.94
C ASP B 275 -6.35 0.22 23.63
N ILE B 276 -5.33 0.57 22.85
CA ILE B 276 -5.08 1.97 22.48
C ILE B 276 -4.68 1.98 21.01
N VAL B 277 -5.29 2.88 20.22
CA VAL B 277 -4.97 2.97 18.80
C VAL B 277 -3.90 4.03 18.62
N GLN B 278 -2.99 3.79 17.67
CA GLN B 278 -1.87 4.69 17.42
C GLN B 278 -1.62 5.08 15.98
N PRO B 279 -2.57 5.78 15.36
CA PRO B 279 -2.38 6.19 13.97
C PRO B 279 -1.25 7.21 13.85
N ASP B 280 -0.60 7.23 12.70
CA ASP B 280 0.43 8.24 12.42
C ASP B 280 -0.29 9.12 11.41
N ILE B 281 -0.47 10.40 11.77
CA ILE B 281 -1.18 11.34 10.91
C ILE B 281 -0.74 11.36 9.45
N LEU B 282 0.56 11.26 9.22
CA LEU B 282 1.05 11.31 7.86
C LEU B 282 1.04 9.97 7.12
N TYR B 283 1.29 8.86 7.82
CA TYR B 283 1.24 7.56 7.15
C TYR B 283 -0.22 7.24 6.78
N LEU B 284 -1.15 7.75 7.58
CA LEU B 284 -2.57 7.49 7.39
C LEU B 284 -3.24 8.33 6.29
N GLY B 285 -2.58 9.40 5.85
CA GLY B 285 -3.17 10.21 4.79
C GLY B 285 -3.61 11.60 5.20
N GLY B 286 -3.30 12.01 6.42
CA GLY B 286 -3.67 13.35 6.82
C GLY B 286 -4.60 13.46 8.01
N ILE B 287 -4.91 14.70 8.37
CA ILE B 287 -5.80 14.99 9.49
C ILE B 287 -7.21 14.45 9.29
N CYS B 288 -7.81 14.75 8.14
CA CYS B 288 -9.17 14.28 7.87
C CYS B 288 -9.30 12.77 8.04
N ARG B 289 -8.39 12.02 7.44
CA ARG B 289 -8.45 10.57 7.54
C ARG B 289 -8.14 10.09 8.96
N THR B 290 -7.24 10.79 9.65
CA THR B 290 -6.93 10.40 11.02
C THR B 290 -8.17 10.62 11.89
N LEU B 291 -8.90 11.69 11.63
CA LEU B 291 -10.12 11.98 12.39
C LEU B 291 -11.16 10.87 12.22
N ARG B 292 -11.13 10.20 11.08
CA ARG B 292 -12.08 9.10 10.86
C ARG B 292 -11.72 7.96 11.79
N VAL B 293 -10.42 7.72 11.98
CA VAL B 293 -9.98 6.66 12.88
C VAL B 293 -10.27 7.08 14.32
N VAL B 294 -10.06 8.36 14.62
CA VAL B 294 -10.34 8.88 15.95
C VAL B 294 -11.81 8.63 16.31
N GLU B 295 -12.69 8.84 15.35
CA GLU B 295 -14.12 8.63 15.58
C GLU B 295 -14.44 7.13 15.77
N MET B 296 -13.81 6.26 14.98
CA MET B 296 -14.03 4.82 15.13
C MET B 296 -13.67 4.44 16.56
N ALA B 297 -12.53 4.93 17.01
CA ALA B 297 -12.04 4.66 18.36
C ALA B 297 -12.94 5.26 19.41
N ARG B 298 -13.33 6.52 19.20
CA ARG B 298 -14.18 7.22 20.16
C ARG B 298 -15.48 6.45 20.41
N ALA B 299 -16.18 6.10 19.32
CA ALA B 299 -17.44 5.38 19.44
C ALA B 299 -17.26 4.04 20.17
N ALA B 300 -16.08 3.45 20.03
CA ALA B 300 -15.77 2.16 20.65
C ALA B 300 -15.25 2.31 22.08
N GLY B 301 -14.99 3.54 22.49
CA GLY B 301 -14.49 3.78 23.84
C GLY B 301 -12.99 3.63 23.99
N LEU B 302 -12.27 3.60 22.88
CA LEU B 302 -10.81 3.47 22.92
C LEU B 302 -10.10 4.81 22.81
N PRO B 303 -9.00 4.98 23.57
CA PRO B 303 -8.25 6.23 23.52
C PRO B 303 -7.30 6.22 22.32
N VAL B 304 -6.83 7.40 21.94
CA VAL B 304 -5.93 7.56 20.82
C VAL B 304 -4.60 8.17 21.27
N THR B 305 -3.51 7.45 21.06
CA THR B 305 -2.18 7.90 21.42
C THR B 305 -1.39 7.76 20.12
N PRO B 306 -1.45 8.78 19.27
CA PRO B 306 -0.76 8.78 17.97
C PRO B 306 0.74 8.54 17.99
N HIS B 307 1.22 8.05 16.84
CA HIS B 307 2.63 7.80 16.64
C HIS B 307 3.21 9.01 15.90
N CYS B 308 4.33 9.52 16.41
CA CYS B 308 5.07 10.62 15.79
C CYS B 308 6.47 10.41 16.33
N ALA B 309 7.36 9.96 15.47
CA ALA B 309 8.72 9.60 15.87
C ALA B 309 9.91 10.48 15.53
N ASN B 310 9.67 11.69 15.06
CA ASN B 310 10.78 12.57 14.74
C ASN B 310 10.37 14.02 14.82
N TRP B 311 11.34 14.91 14.68
CA TRP B 311 11.06 16.33 14.77
C TRP B 311 10.74 17.02 13.45
N SER B 312 10.16 16.27 12.53
CA SER B 312 9.68 16.87 11.29
C SER B 312 8.37 17.42 11.85
N LEU B 313 7.45 17.87 11.01
CA LEU B 313 6.20 18.41 11.51
C LEU B 313 5.21 17.37 12.06
N VAL B 314 5.50 16.09 11.88
CA VAL B 314 4.58 15.07 12.35
C VAL B 314 4.25 15.21 13.85
N THR B 315 5.24 15.59 14.65
CA THR B 315 5.00 15.73 16.08
C THR B 315 4.09 16.92 16.38
N LEU B 316 4.28 18.03 15.66
CA LEU B 316 3.46 19.22 15.85
C LEU B 316 2.01 18.96 15.43
N PHE B 317 1.83 18.26 14.30
CA PHE B 317 0.49 17.95 13.84
C PHE B 317 -0.24 17.15 14.92
N THR B 318 0.49 16.23 15.55
CA THR B 318 -0.07 15.39 16.60
C THR B 318 -0.43 16.22 17.83
N MET B 319 0.42 17.19 18.14
CA MET B 319 0.16 18.08 19.28
C MET B 319 -1.17 18.80 19.09
N HIS B 320 -1.42 19.31 17.88
CA HIS B 320 -2.68 20.00 17.62
C HIS B 320 -3.86 19.04 17.72
N LEU B 321 -3.68 17.83 17.18
CA LEU B 321 -4.75 16.84 17.22
C LEU B 321 -5.10 16.48 18.67
N LEU B 322 -4.07 16.24 19.49
CA LEU B 322 -4.29 15.87 20.88
C LEU B 322 -4.96 16.97 21.71
N ARG B 323 -4.87 18.22 21.25
CA ARG B 323 -5.50 19.32 21.96
C ARG B 323 -6.95 19.46 21.52
N ALA B 324 -7.38 18.61 20.59
CA ALA B 324 -8.74 18.70 20.09
C ALA B 324 -9.62 17.47 20.22
N ILE B 325 -9.07 16.28 20.08
CA ILE B 325 -9.92 15.08 20.15
C ILE B 325 -10.45 14.80 21.56
N PRO B 326 -11.67 14.23 21.63
CA PRO B 326 -12.31 13.91 22.92
C PRO B 326 -11.81 12.65 23.62
N ASN B 327 -11.09 11.81 22.90
CA ASN B 327 -10.60 10.55 23.45
C ASN B 327 -9.07 10.45 23.34
N ALA B 328 -8.38 11.51 23.73
CA ALA B 328 -6.93 11.52 23.66
C ALA B 328 -6.30 10.59 24.70
N GLY B 329 -5.18 10.00 24.33
CA GLY B 329 -4.45 9.12 25.23
C GLY B 329 -3.74 9.95 26.28
N LYS B 330 -2.81 9.34 27.01
CA LYS B 330 -2.11 10.01 28.09
C LYS B 330 -0.99 10.98 27.73
N TYR B 331 -0.42 10.85 26.54
CA TYR B 331 0.71 11.68 26.19
C TYR B 331 1.11 11.66 24.72
N LEU B 332 1.92 12.66 24.37
CA LEU B 332 2.44 12.84 23.01
C LEU B 332 3.77 12.09 22.88
N GLU B 333 3.93 11.28 21.85
CA GLU B 333 5.21 10.60 21.66
C GLU B 333 6.22 11.69 21.32
N PHE B 334 7.35 11.70 22.02
CA PHE B 334 8.35 12.74 21.75
C PHE B 334 9.74 12.13 21.61
N SER B 335 10.23 12.08 20.38
CA SER B 335 11.56 11.53 20.13
C SER B 335 12.63 12.33 20.84
N ILE B 336 13.54 11.65 21.52
CA ILE B 336 14.62 12.34 22.21
C ILE B 336 15.98 12.04 21.57
N GLU B 337 15.96 11.49 20.36
CA GLU B 337 17.19 11.17 19.63
C GLU B 337 17.86 12.45 19.14
N GLY B 338 19.17 12.41 18.96
CA GLY B 338 19.91 13.57 18.50
C GLY B 338 20.26 13.47 17.01
N PRO B 339 21.11 14.39 16.51
CA PRO B 339 21.51 14.39 15.11
C PRO B 339 22.24 13.14 14.62
N ASP B 340 22.74 12.32 15.54
CA ASP B 340 23.43 11.11 15.13
C ASP B 340 22.41 10.11 14.58
N TYR B 341 21.17 10.27 14.99
CA TYR B 341 20.10 9.38 14.56
C TYR B 341 19.25 10.02 13.47
N TYR B 342 18.90 11.29 13.65
CA TYR B 342 18.10 12.02 12.67
C TYR B 342 18.86 13.27 12.23
N PRO B 343 19.91 13.11 11.42
CA PRO B 343 20.69 14.26 10.96
C PRO B 343 19.89 15.27 10.13
N TRP B 344 18.93 14.76 9.38
CA TRP B 344 18.10 15.58 8.51
C TRP B 344 17.05 16.47 9.19
N GLN B 345 16.78 16.28 10.48
CA GLN B 345 15.76 17.11 11.11
C GLN B 345 16.30 18.42 11.67
N GLU B 346 17.61 18.60 11.54
CA GLU B 346 18.27 19.81 12.01
C GLU B 346 17.99 20.97 11.05
N GLY B 347 17.65 22.12 11.60
CA GLY B 347 17.41 23.30 10.79
C GLY B 347 16.25 23.28 9.80
N LEU B 348 15.18 22.59 10.15
CA LEU B 348 14.02 22.55 9.27
C LEU B 348 13.16 23.79 9.44
N PHE B 349 13.13 24.34 10.65
CA PHE B 349 12.29 25.50 10.94
C PHE B 349 13.04 26.74 11.41
N VAL B 350 12.40 27.90 11.25
CA VAL B 350 13.00 29.17 11.67
C VAL B 350 13.18 29.11 13.19
N LYS B 351 12.16 28.60 13.87
CA LYS B 351 12.20 28.47 15.31
C LYS B 351 11.51 27.15 15.65
N THR B 352 12.20 26.30 16.40
CA THR B 352 11.65 25.01 16.76
C THR B 352 10.37 25.14 17.58
N PRO B 353 9.35 24.31 17.28
CA PRO B 353 8.10 24.36 18.02
C PRO B 353 8.13 23.29 19.11
N TYR B 354 9.29 22.66 19.28
CA TYR B 354 9.42 21.55 20.22
C TYR B 354 10.15 21.76 21.54
N GLU B 355 10.15 23.00 22.04
CA GLU B 355 10.79 23.26 23.33
C GLU B 355 9.91 22.60 24.38
N ILE B 356 10.53 21.86 25.30
CA ILE B 356 9.76 21.18 26.35
C ILE B 356 9.75 21.97 27.65
N GLU B 357 8.57 22.07 28.25
CA GLU B 357 8.38 22.78 29.51
C GLU B 357 7.93 21.74 30.54
N ASP B 358 8.83 21.37 31.44
CA ASP B 358 8.53 20.38 32.47
C ASP B 358 7.74 19.18 31.92
N GLY B 359 8.33 18.50 30.94
CA GLY B 359 7.70 17.33 30.37
C GLY B 359 6.51 17.57 29.46
N HIS B 360 6.24 18.83 29.15
CA HIS B 360 5.11 19.17 28.29
C HIS B 360 5.54 19.94 27.06
N ALA B 361 4.85 19.69 25.95
CA ALA B 361 5.09 20.39 24.69
C ALA B 361 3.97 21.41 24.64
N ARG B 362 4.07 22.41 23.76
CA ARG B 362 3.02 23.41 23.71
C ARG B 362 2.50 23.78 22.33
N VAL B 363 1.17 23.86 22.23
CA VAL B 363 0.53 24.29 21.00
C VAL B 363 0.21 25.75 21.29
N THR B 364 0.75 26.65 20.48
CA THR B 364 0.51 28.07 20.69
C THR B 364 -0.73 28.54 19.94
N ASP B 365 -1.08 29.81 20.10
CA ASP B 365 -2.25 30.33 19.42
C ASP B 365 -1.92 30.93 18.06
N ALA B 366 -0.70 30.70 17.59
CA ALA B 366 -0.29 31.21 16.29
C ALA B 366 -1.20 30.54 15.25
N PRO B 367 -1.71 31.32 14.27
CA PRO B 367 -2.59 30.78 13.23
C PRO B 367 -1.98 29.62 12.45
N GLY B 368 -2.79 28.63 12.13
CA GLY B 368 -2.30 27.48 11.38
C GLY B 368 -1.49 26.57 12.28
N TRP B 369 -0.42 25.98 11.74
CA TRP B 369 0.41 25.10 12.54
C TRP B 369 1.26 25.91 13.50
N GLY B 370 1.51 27.17 13.14
CA GLY B 370 2.29 28.04 13.99
C GLY B 370 3.79 27.82 13.87
N VAL B 371 4.23 27.50 12.66
CA VAL B 371 5.63 27.25 12.41
C VAL B 371 5.97 27.82 11.03
N GLU B 372 7.26 28.06 10.80
CA GLU B 372 7.73 28.60 9.53
C GLU B 372 8.89 27.74 9.05
N ILE B 373 8.83 27.26 7.83
CA ILE B 373 9.89 26.44 7.29
C ILE B 373 11.09 27.33 7.05
N SER B 374 12.28 26.82 7.35
CA SER B 374 13.52 27.56 7.19
C SER B 374 13.78 27.95 5.74
N PRO B 375 13.95 29.26 5.47
CA PRO B 375 14.21 29.70 4.09
C PRO B 375 15.48 29.07 3.52
N GLU B 376 16.45 28.82 4.39
CA GLU B 376 17.71 28.20 3.98
C GLU B 376 17.46 26.76 3.57
N TRP B 377 16.64 26.05 4.33
CA TRP B 377 16.36 24.66 3.99
C TRP B 377 15.63 24.64 2.64
N LEU B 378 14.65 25.51 2.48
CA LEU B 378 13.89 25.58 1.24
C LEU B 378 14.81 25.87 0.04
N ALA B 379 15.78 26.75 0.23
CA ALA B 379 16.70 27.10 -0.85
C ALA B 379 17.44 25.87 -1.39
N ARG B 380 17.75 24.92 -0.51
CA ARG B 380 18.46 23.71 -0.92
C ARG B 380 17.56 22.57 -1.39
N SER B 381 16.25 22.74 -1.30
CA SER B 381 15.31 21.69 -1.67
C SER B 381 15.04 21.48 -3.17
N GLN B 382 14.43 20.35 -3.47
CA GLN B 382 14.05 20.02 -4.83
C GLN B 382 12.62 20.50 -4.97
N TYR B 383 12.41 21.43 -5.89
CA TYR B 383 11.10 22.03 -6.12
C TYR B 383 10.31 21.40 -7.25
N GLN B 384 8.99 21.29 -7.06
CA GLN B 384 8.11 20.78 -8.09
C GLN B 384 6.74 21.38 -7.88
N SER B 385 6.07 21.78 -8.95
CA SER B 385 4.75 22.38 -8.80
C SER B 385 3.75 21.85 -9.80
N SER B 386 2.48 21.93 -9.41
CA SER B 386 1.37 21.51 -10.25
C SER B 386 0.34 22.62 -10.09
N GLU B 387 -0.18 23.12 -11.20
CA GLU B 387 -1.18 24.18 -11.14
C GLU B 387 -2.17 24.09 -12.29
N ILE B 388 -3.27 24.82 -12.17
CA ILE B 388 -4.29 24.83 -13.21
C ILE B 388 -4.44 26.21 -13.83
#